data_2G6V
#
_entry.id   2G6V
#
_cell.length_a   172.600
_cell.length_b   172.600
_cell.length_c   76.380
_cell.angle_alpha   90.00
_cell.angle_beta   90.00
_cell.angle_gamma   120.00
#
_symmetry.space_group_name_H-M   'P 31 2 1'
#
loop_
_entity.id
_entity.type
_entity.pdbx_description
1 polymer 'Riboflavin biosynthesis protein ribD'
2 water water
#
_entity_poly.entity_id   1
_entity_poly.type   'polypeptide(L)'
_entity_poly.pdbx_seq_one_letter_code
;MDYKDDDDKGSSTSLYKKAGSETLYIQGQDEYY(MSE)ARALKLAQRGRFTTHPNPNVGCVIVKDGEIVGEGYHQRAGEP
HAEVHALR(MSE)AGEKAKGATAYVTLEPCSHHGRTPPCCDALIAAGVARVVAS(MSE)QDPNPQVAGRGLYRLQQAGID
VSHGL(MSE)(MSE)SEAEQLNKGFLKR(MSE)RTGFPYIQLKLGASLDGRTA(MSE)ASGESQWITSPQARRDVQLLRA
QSHAILTSSATVLADDPALTVRWSELDEQTQALYPQQNLRQPIRIVIDSQNRVTPVHRIVQQPGETWFARTQEDSREWPE
TVRTLLIPEHKGHLDLVVL(MSE)(MSE)QLGKQQINSIWVEAGPTLAGALLQAGLVDELIVYIAPKLLGSDARGLCTLP
GLEKLADAPQFKFKEIRHVGPDVCLHLVGASTHHHHHH
;
_entity_poly.pdbx_strand_id   A,B
#
# COMPACT_ATOMS: atom_id res chain seq x y z
N THR A 23 -25.48 34.08 3.31
CA THR A 23 -24.36 34.13 2.33
C THR A 23 -23.76 32.75 2.03
N LEU A 24 -24.46 31.70 2.48
CA LEU A 24 -23.96 30.33 2.39
C LEU A 24 -23.97 29.79 0.97
N TYR A 25 -25.00 30.15 0.19
CA TYR A 25 -25.10 29.72 -1.20
C TYR A 25 -23.96 30.28 -2.03
N ILE A 26 -23.46 31.45 -1.64
CA ILE A 26 -22.35 32.12 -2.31
C ILE A 26 -21.07 31.34 -2.05
N GLN A 27 -20.94 30.84 -0.82
CA GLN A 27 -19.84 29.94 -0.47
C GLN A 27 -19.88 28.67 -1.31
N GLY A 28 -21.10 28.18 -1.60
CA GLY A 28 -21.31 27.01 -2.44
C GLY A 28 -20.96 27.27 -3.89
N GLN A 29 -21.34 28.44 -4.39
CA GLN A 29 -21.05 28.84 -5.77
C GLN A 29 -19.55 29.05 -5.94
N ASP A 30 -18.97 29.83 -5.03
CA ASP A 30 -17.53 30.07 -5.01
C ASP A 30 -16.76 28.75 -5.06
N GLU A 31 -17.17 27.80 -4.24
CA GLU A 31 -16.50 26.49 -4.18
C GLU A 31 -16.52 25.78 -5.51
N TYR A 32 -17.68 25.83 -6.18
CA TYR A 32 -17.86 25.24 -7.50
C TYR A 32 -16.92 25.90 -8.53
N TYR A 33 -16.97 27.22 -8.62
CA TYR A 33 -16.17 27.93 -9.60
C TYR A 33 -14.64 27.85 -9.35
N MSE A 34 -14.24 27.91 -8.08
CA MSE A 34 -12.83 27.72 -7.78
C MSE A 34 -12.40 26.30 -8.13
O MSE A 34 -11.35 26.10 -8.76
CB MSE A 34 -12.51 28.06 -6.32
CG MSE A 34 -11.01 28.06 -6.03
SE MSE A 34 -10.09 29.40 -7.11
CE MSE A 34 -10.51 30.92 -5.98
N ALA A 35 -13.20 25.30 -7.73
CA ALA A 35 -12.92 23.90 -8.13
C ALA A 35 -12.63 23.84 -9.63
N ARG A 36 -13.48 24.51 -10.41
CA ARG A 36 -13.35 24.51 -11.86
C ARG A 36 -12.04 25.17 -12.26
N ALA A 37 -11.74 26.32 -11.66
CA ALA A 37 -10.48 27.01 -11.94
C ALA A 37 -9.29 26.10 -11.62
N LEU A 38 -9.35 25.37 -10.51
CA LEU A 38 -8.31 24.39 -10.18
C LEU A 38 -8.19 23.30 -11.23
N LYS A 39 -9.33 22.80 -11.70
CA LYS A 39 -9.36 21.79 -12.76
C LYS A 39 -8.71 22.31 -14.04
N LEU A 40 -9.05 23.54 -14.41
CA LEU A 40 -8.43 24.17 -15.57
C LEU A 40 -6.92 24.33 -15.43
N ALA A 41 -6.48 24.85 -14.28
CA ALA A 41 -5.06 25.02 -14.02
C ALA A 41 -4.30 23.72 -14.24
N GLN A 42 -4.89 22.62 -13.78
CA GLN A 42 -4.27 21.31 -13.85
C GLN A 42 -3.95 20.89 -15.29
N ARG A 43 -4.65 21.46 -16.27
CA ARG A 43 -4.44 21.13 -17.67
C ARG A 43 -3.07 21.57 -18.21
N GLY A 44 -2.43 22.50 -17.51
CA GLY A 44 -1.13 23.04 -17.92
C GLY A 44 0.05 22.41 -17.21
N ARG A 45 -0.20 21.42 -16.36
CA ARG A 45 0.86 20.88 -15.50
C ARG A 45 2.01 20.20 -16.23
N PHE A 46 1.80 19.87 -17.49
CA PHE A 46 2.81 19.20 -18.30
C PHE A 46 3.72 20.14 -19.09
N THR A 47 3.35 21.41 -19.20
CA THR A 47 3.95 22.30 -20.21
C THR A 47 4.16 23.71 -19.71
N THR A 48 4.07 23.90 -18.41
CA THR A 48 3.96 25.22 -17.86
C THR A 48 5.31 25.69 -17.31
N HIS A 49 6.14 24.73 -16.91
CA HIS A 49 7.43 24.99 -16.29
C HIS A 49 8.29 25.90 -17.17
N PRO A 50 8.97 26.90 -16.57
CA PRO A 50 9.07 27.26 -15.14
C PRO A 50 7.90 28.06 -14.55
N ASN A 51 6.91 28.40 -15.36
CA ASN A 51 5.71 29.10 -14.87
C ASN A 51 4.78 28.22 -14.04
N PRO A 52 4.10 28.79 -13.05
CA PRO A 52 3.11 28.00 -12.30
C PRO A 52 1.93 27.61 -13.16
N ASN A 53 1.18 26.62 -12.70
CA ASN A 53 -0.11 26.34 -13.27
C ASN A 53 -1.09 27.34 -12.68
N VAL A 54 -1.83 28.00 -13.56
CA VAL A 54 -2.82 28.98 -13.15
C VAL A 54 -4.07 28.79 -14.00
N GLY A 55 -5.23 28.88 -13.35
CA GLY A 55 -6.54 28.77 -13.99
C GLY A 55 -7.38 29.96 -13.60
N CYS A 56 -8.24 30.39 -14.54
CA CYS A 56 -9.20 31.47 -14.28
C CYS A 56 -10.58 31.15 -14.83
N VAL A 57 -11.60 31.42 -14.03
CA VAL A 57 -12.99 31.34 -14.49
C VAL A 57 -13.70 32.66 -14.16
N ILE A 58 -14.23 33.33 -15.17
CA ILE A 58 -15.01 34.55 -14.98
C ILE A 58 -16.51 34.24 -15.01
N VAL A 59 -17.24 34.73 -14.01
CA VAL A 59 -18.68 34.49 -13.94
C VAL A 59 -19.43 35.81 -14.00
N LYS A 60 -20.47 35.84 -14.83
CA LYS A 60 -21.33 37.01 -14.97
C LYS A 60 -22.78 36.63 -14.64
N ASP A 61 -23.27 37.14 -13.51
CA ASP A 61 -24.48 36.65 -12.82
C ASP A 61 -24.87 35.21 -13.15
N GLY A 62 -24.08 34.27 -12.62
CA GLY A 62 -24.40 32.85 -12.64
C GLY A 62 -23.94 32.06 -13.85
N GLU A 63 -23.47 32.77 -14.88
CA GLU A 63 -23.01 32.10 -16.09
C GLU A 63 -21.50 32.26 -16.24
N ILE A 64 -20.84 31.21 -16.69
CA ILE A 64 -19.42 31.26 -16.96
C ILE A 64 -19.22 31.87 -18.35
N VAL A 65 -18.57 33.03 -18.38
CA VAL A 65 -18.43 33.81 -19.61
C VAL A 65 -16.98 33.86 -20.13
N GLY A 66 -16.07 33.32 -19.32
CA GLY A 66 -14.68 33.28 -19.70
C GLY A 66 -14.01 32.24 -18.86
N GLU A 67 -13.26 31.36 -19.52
CA GLU A 67 -12.38 30.43 -18.85
C GLU A 67 -11.01 30.53 -19.49
N GLY A 68 -9.97 30.15 -18.74
CA GLY A 68 -8.62 30.19 -19.26
C GLY A 68 -7.68 29.51 -18.31
N TYR A 69 -6.60 28.95 -18.84
CA TYR A 69 -5.50 28.45 -18.01
C TYR A 69 -4.15 28.74 -18.64
N HIS A 70 -3.09 28.71 -17.84
CA HIS A 70 -1.76 28.88 -18.40
C HIS A 70 -1.34 27.61 -19.12
N GLN A 71 -0.67 27.76 -20.26
CA GLN A 71 -0.21 26.63 -21.05
C GLN A 71 1.31 26.59 -21.15
N ARG A 72 1.94 27.73 -21.34
CA ARG A 72 3.38 27.82 -21.56
C ARG A 72 3.97 29.17 -21.22
N ALA A 73 5.19 29.16 -20.70
CA ALA A 73 5.95 30.38 -20.39
C ALA A 73 5.95 31.43 -21.53
N GLY A 74 6.00 30.98 -22.78
CA GLY A 74 5.83 31.90 -23.91
C GLY A 74 4.43 32.49 -24.09
N GLU A 75 3.41 31.66 -23.82
CA GLU A 75 2.02 32.06 -24.03
C GLU A 75 1.43 32.90 -22.88
N PRO A 76 0.23 33.49 -23.07
CA PRO A 76 -0.45 34.33 -22.08
C PRO A 76 -0.88 33.69 -20.75
N HIS A 77 -1.08 34.55 -19.76
CA HIS A 77 -1.56 34.12 -18.46
C HIS A 77 -3.03 33.74 -18.49
N ALA A 78 -3.43 32.87 -17.57
CA ALA A 78 -4.79 32.37 -17.47
C ALA A 78 -5.86 33.46 -17.53
N GLU A 79 -5.67 34.52 -16.76
CA GLU A 79 -6.60 35.66 -16.71
C GLU A 79 -6.75 36.33 -18.09
N VAL A 80 -5.64 36.46 -18.81
CA VAL A 80 -5.69 37.06 -20.14
C VAL A 80 -6.52 36.20 -21.10
N HIS A 81 -6.29 34.89 -21.11
CA HIS A 81 -7.12 33.96 -21.87
C HIS A 81 -8.60 34.14 -21.54
N ALA A 82 -8.91 34.08 -20.24
CA ALA A 82 -10.28 34.15 -19.74
C ALA A 82 -10.94 35.48 -20.09
N LEU A 83 -10.18 36.57 -19.92
CA LEU A 83 -10.65 37.91 -20.25
C LEU A 83 -10.93 38.06 -21.74
N ARG A 84 -10.06 37.48 -22.57
CA ARG A 84 -10.27 37.46 -24.01
C ARG A 84 -11.57 36.76 -24.40
N MSE A 85 -11.95 35.73 -23.64
CA MSE A 85 -13.18 35.01 -23.92
C MSE A 85 -14.41 35.79 -23.46
O MSE A 85 -15.43 35.80 -24.14
CB MSE A 85 -13.17 33.64 -23.26
CG MSE A 85 -14.11 32.65 -23.92
SE MSE A 85 -14.06 30.97 -22.97
CE MSE A 85 -15.67 31.19 -21.91
N ALA A 86 -14.30 36.42 -22.29
CA ALA A 86 -15.40 37.18 -21.71
C ALA A 86 -15.64 38.48 -22.46
N GLY A 87 -14.57 39.13 -22.89
CA GLY A 87 -14.67 40.46 -23.49
C GLY A 87 -15.61 41.33 -22.69
N GLU A 88 -16.61 41.90 -23.36
CA GLU A 88 -17.55 42.82 -22.70
C GLU A 88 -18.32 42.17 -21.54
N LYS A 89 -18.46 40.85 -21.58
CA LYS A 89 -19.18 40.11 -20.55
C LYS A 89 -18.49 40.18 -19.18
N ALA A 90 -17.19 40.49 -19.18
CA ALA A 90 -16.41 40.61 -17.94
C ALA A 90 -16.85 41.81 -17.10
N LYS A 91 -17.42 42.81 -17.76
CA LYS A 91 -17.86 44.06 -17.14
C LYS A 91 -18.55 43.87 -15.79
N GLY A 92 -19.60 43.07 -15.75
CA GLY A 92 -20.32 42.84 -14.50
C GLY A 92 -19.48 42.53 -13.28
N ALA A 93 -19.14 41.25 -13.08
CA ALA A 93 -18.58 40.81 -11.79
C ALA A 93 -17.56 39.63 -11.79
N THR A 94 -17.58 38.86 -10.69
CA THR A 94 -16.58 37.86 -10.23
C THR A 94 -15.60 37.08 -11.17
N ALA A 95 -14.30 37.21 -10.84
CA ALA A 95 -13.25 36.34 -11.39
C ALA A 95 -12.66 35.38 -10.35
N TYR A 96 -12.61 34.10 -10.69
CA TYR A 96 -11.95 33.10 -9.85
C TYR A 96 -10.58 32.81 -10.42
N VAL A 97 -9.55 33.19 -9.65
CA VAL A 97 -8.17 32.85 -9.97
C VAL A 97 -7.55 31.96 -8.91
N THR A 98 -6.73 31.03 -9.39
CA THR A 98 -6.14 30.00 -8.57
C THR A 98 -4.85 30.49 -7.91
N LEU A 99 -4.39 31.65 -8.34
CA LEU A 99 -3.21 32.31 -7.80
C LEU A 99 -3.44 33.81 -7.94
N GLU A 100 -3.00 34.58 -6.95
CA GLU A 100 -3.16 36.03 -7.02
C GLU A 100 -2.49 36.60 -8.26
N PRO A 101 -3.21 37.45 -9.01
CA PRO A 101 -2.67 37.97 -10.25
C PRO A 101 -1.70 39.13 -10.03
N CYS A 102 -0.81 39.36 -11.00
CA CYS A 102 0.18 40.43 -10.93
C CYS A 102 0.22 41.27 -12.20
N PRO A 110 2.61 43.48 -18.03
CA PRO A 110 1.67 43.48 -16.91
C PRO A 110 0.45 42.61 -17.20
N CYS A 111 -0.41 42.46 -16.19
CA CYS A 111 -1.59 41.60 -16.30
C CYS A 111 -2.69 41.98 -15.30
N CYS A 112 -2.39 42.93 -14.42
CA CYS A 112 -3.37 43.39 -13.43
C CYS A 112 -4.22 44.53 -14.00
N ASP A 113 -3.67 45.25 -14.97
CA ASP A 113 -4.39 46.28 -15.70
C ASP A 113 -5.54 45.66 -16.51
N ALA A 114 -5.28 44.50 -17.12
CA ALA A 114 -6.28 43.74 -17.91
C ALA A 114 -7.54 43.44 -17.12
N LEU A 115 -7.37 43.16 -15.83
CA LEU A 115 -8.48 42.87 -14.94
C LEU A 115 -9.21 44.15 -14.57
N ILE A 116 -8.46 45.18 -14.21
CA ILE A 116 -9.02 46.48 -13.86
C ILE A 116 -9.68 47.13 -15.07
N ALA A 117 -9.03 47.03 -16.24
CA ALA A 117 -9.57 47.58 -17.49
C ALA A 117 -10.89 46.91 -17.90
N ALA A 118 -11.00 45.61 -17.68
CA ALA A 118 -12.23 44.86 -17.90
C ALA A 118 -12.98 44.85 -16.58
N GLY A 119 -13.70 45.93 -16.31
CA GLY A 119 -14.22 46.25 -14.97
C GLY A 119 -14.99 45.19 -14.20
N VAL A 120 -14.28 44.18 -13.73
CA VAL A 120 -14.86 43.17 -12.87
C VAL A 120 -15.21 43.74 -11.49
N ALA A 121 -16.34 43.30 -10.95
CA ALA A 121 -16.58 43.41 -9.52
C ALA A 121 -16.17 42.05 -8.97
N ARG A 122 -15.36 42.05 -7.92
CA ARG A 122 -14.97 40.81 -7.27
C ARG A 122 -13.92 40.00 -8.03
N VAL A 123 -12.76 39.77 -7.40
CA VAL A 123 -11.93 38.62 -7.76
C VAL A 123 -11.69 37.76 -6.51
N VAL A 124 -11.75 36.46 -6.72
CA VAL A 124 -11.53 35.49 -5.65
C VAL A 124 -10.27 34.67 -5.98
N ALA A 125 -9.20 34.91 -5.24
CA ALA A 125 -7.93 34.21 -5.44
C ALA A 125 -7.76 33.13 -4.39
N SER A 126 -7.25 31.97 -4.80
CA SER A 126 -7.12 30.83 -3.89
C SER A 126 -6.00 31.07 -2.90
N MSE A 127 -4.89 31.59 -3.41
CA MSE A 127 -3.76 31.91 -2.56
C MSE A 127 -3.08 33.18 -3.07
O MSE A 127 -3.29 33.58 -4.21
CB MSE A 127 -2.79 30.74 -2.52
CG MSE A 127 -2.50 30.10 -3.87
SE MSE A 127 -1.03 28.85 -3.77
CE MSE A 127 -0.92 28.40 -5.66
N GLN A 128 -2.32 33.83 -2.20
CA GLN A 128 -1.55 35.00 -2.63
C GLN A 128 -0.17 34.55 -3.10
N ASP A 129 0.53 35.42 -3.83
CA ASP A 129 1.85 35.12 -4.36
C ASP A 129 2.84 34.84 -3.24
N PRO A 130 3.71 33.84 -3.42
CA PRO A 130 4.77 33.54 -2.47
C PRO A 130 6.15 34.14 -2.80
N ASN A 131 6.21 35.16 -3.67
CA ASN A 131 7.49 35.59 -4.27
C ASN A 131 8.00 37.02 -3.96
N PRO A 132 8.24 37.34 -2.68
CA PRO A 132 8.13 36.54 -1.47
C PRO A 132 6.82 36.85 -0.75
N GLN A 133 6.94 37.29 0.51
CA GLN A 133 5.82 37.83 1.27
C GLN A 133 5.68 39.34 1.03
N VAL A 134 6.63 39.89 0.27
CA VAL A 134 6.57 41.31 -0.11
C VAL A 134 5.74 41.51 -1.38
N ALA A 135 5.60 40.44 -2.16
CA ALA A 135 4.82 40.46 -3.40
C ALA A 135 3.32 40.44 -3.17
N GLY A 136 2.88 39.94 -2.01
CA GLY A 136 1.45 39.77 -1.70
C GLY A 136 0.49 40.91 -2.03
N ARG A 137 1.02 41.95 -2.68
CA ARG A 137 0.33 43.21 -2.93
C ARG A 137 -0.74 43.11 -4.03
N GLY A 138 -0.56 42.17 -4.96
CA GLY A 138 -1.52 41.91 -6.05
C GLY A 138 -2.98 42.18 -5.73
N LEU A 139 -3.48 41.61 -4.64
CA LEU A 139 -4.87 41.79 -4.22
C LEU A 139 -5.17 43.23 -3.83
N TYR A 140 -4.27 43.84 -3.06
CA TYR A 140 -4.44 45.22 -2.59
C TYR A 140 -4.51 46.20 -3.76
N ARG A 141 -3.81 45.87 -4.85
CA ARG A 141 -3.85 46.62 -6.10
C ARG A 141 -5.26 46.67 -6.67
N LEU A 142 -5.93 45.52 -6.68
CA LEU A 142 -7.27 45.40 -7.25
C LEU A 142 -8.32 46.03 -6.35
N GLN A 143 -8.09 45.99 -5.05
CA GLN A 143 -9.05 46.54 -4.08
C GLN A 143 -9.15 48.07 -4.19
N GLN A 144 -8.03 48.72 -4.49
CA GLN A 144 -7.99 50.16 -4.76
C GLN A 144 -8.88 50.57 -5.93
N ALA A 145 -9.06 49.65 -6.87
CA ALA A 145 -9.89 49.87 -8.04
C ALA A 145 -11.37 49.62 -7.73
N GLY A 146 -11.67 49.38 -6.45
CA GLY A 146 -13.05 49.16 -6.01
C GLY A 146 -13.53 47.73 -6.23
N ILE A 147 -12.59 46.84 -6.50
CA ILE A 147 -12.90 45.43 -6.64
C ILE A 147 -12.91 44.75 -5.28
N ASP A 148 -13.95 43.96 -5.02
CA ASP A 148 -14.09 43.18 -3.80
C ASP A 148 -13.20 41.95 -3.90
N VAL A 149 -12.18 41.91 -3.07
CA VAL A 149 -11.17 40.85 -3.12
C VAL A 149 -11.21 39.92 -1.90
N SER A 150 -10.82 38.68 -2.11
CA SER A 150 -10.69 37.72 -1.03
C SER A 150 -9.53 36.81 -1.40
N HIS A 151 -9.07 36.01 -0.44
CA HIS A 151 -8.10 34.95 -0.72
C HIS A 151 -8.19 33.85 0.31
N GLY A 152 -7.87 32.63 -0.10
CA GLY A 152 -7.78 31.53 0.82
C GLY A 152 -8.68 30.38 0.48
N LEU A 153 -9.65 30.64 -0.41
CA LEU A 153 -10.60 29.64 -0.82
C LEU A 153 -9.88 28.52 -1.56
N MSE A 154 -9.86 27.35 -0.92
CA MSE A 154 -9.21 26.13 -1.45
C MSE A 154 -7.71 26.30 -1.67
O MSE A 154 -7.13 25.72 -2.58
CB MSE A 154 -9.95 25.59 -2.68
CG MSE A 154 -11.41 25.23 -2.42
SE MSE A 154 -12.40 24.78 -4.05
CE MSE A 154 -11.60 23.03 -4.40
N MSE A 155 -7.12 27.12 -0.81
CA MSE A 155 -5.68 27.39 -0.76
C MSE A 155 -5.01 26.18 -0.13
O MSE A 155 -4.66 26.21 1.04
CB MSE A 155 -5.44 28.64 0.08
CG MSE A 155 -4.00 29.00 0.33
SE MSE A 155 -3.31 28.31 2.03
CE MSE A 155 -4.68 28.98 3.23
N SER A 156 -4.84 25.12 -0.90
CA SER A 156 -4.49 23.83 -0.35
C SER A 156 -4.47 22.87 -1.51
N GLU A 157 -5.57 22.88 -2.25
CA GLU A 157 -5.61 22.30 -3.58
C GLU A 157 -4.62 23.09 -4.47
N ALA A 158 -4.75 24.42 -4.45
CA ALA A 158 -3.88 25.33 -5.21
C ALA A 158 -2.42 25.15 -4.84
N GLU A 159 -2.21 24.86 -3.57
CA GLU A 159 -0.92 24.57 -3.01
C GLU A 159 -0.42 23.27 -3.63
N GLN A 160 -1.25 22.23 -3.65
CA GLN A 160 -0.89 20.94 -4.27
C GLN A 160 -0.64 21.05 -5.79
N LEU A 161 -1.19 22.11 -6.39
CA LEU A 161 -1.12 22.32 -7.81
C LEU A 161 0.29 22.72 -8.33
N ASN A 162 1.08 23.33 -7.44
CA ASN A 162 2.36 23.92 -7.79
C ASN A 162 3.45 23.69 -6.76
N LYS A 163 3.53 22.47 -6.21
CA LYS A 163 4.47 22.16 -5.12
C LYS A 163 5.88 22.68 -5.41
N GLY A 164 6.42 22.30 -6.55
CA GLY A 164 7.76 22.71 -6.96
C GLY A 164 7.97 24.21 -7.03
N PHE A 165 7.13 24.87 -7.82
CA PHE A 165 7.21 26.30 -8.02
C PHE A 165 7.10 27.08 -6.72
N LEU A 166 6.14 26.70 -5.89
CA LEU A 166 5.92 27.39 -4.63
C LEU A 166 7.13 27.20 -3.69
N LYS A 167 7.70 26.00 -3.69
CA LYS A 167 8.86 25.69 -2.85
C LYS A 167 10.07 26.50 -3.29
N ARG A 168 10.26 26.62 -4.61
CA ARG A 168 11.35 27.40 -5.18
C ARG A 168 11.27 28.87 -4.80
N MSE A 169 10.11 29.46 -5.03
CA MSE A 169 9.84 30.84 -4.67
C MSE A 169 10.09 31.08 -3.19
O MSE A 169 10.68 32.08 -2.82
CB MSE A 169 8.40 31.23 -5.03
CG MSE A 169 8.08 31.22 -6.51
SE MSE A 169 9.21 32.43 -7.52
CE MSE A 169 10.64 31.21 -8.01
N ARG A 170 9.64 30.15 -2.36
CA ARG A 170 9.73 30.31 -0.90
C ARG A 170 11.15 30.00 -0.39
N THR A 171 11.72 28.89 -0.87
CA THR A 171 13.05 28.44 -0.54
C THR A 171 13.67 28.15 -1.90
N GLY A 172 14.75 28.83 -2.27
CA GLY A 172 15.23 28.75 -3.66
C GLY A 172 15.58 27.37 -4.17
N PHE A 173 14.96 26.34 -3.59
CA PHE A 173 15.23 24.94 -3.90
C PHE A 173 14.11 24.29 -4.71
N PRO A 174 14.47 23.44 -5.68
CA PRO A 174 13.48 22.64 -6.38
C PRO A 174 12.83 21.60 -5.47
N TYR A 175 11.57 21.29 -5.75
CA TYR A 175 10.90 20.17 -5.10
C TYR A 175 11.46 18.88 -5.71
N ILE A 176 11.96 18.00 -4.88
CA ILE A 176 12.56 16.78 -5.36
C ILE A 176 11.69 15.57 -5.08
N GLN A 177 11.41 14.78 -6.11
CA GLN A 177 10.70 13.51 -5.98
C GLN A 177 11.62 12.37 -6.34
N LEU A 178 11.87 11.51 -5.37
CA LEU A 178 12.76 10.38 -5.56
C LEU A 178 11.93 9.15 -5.83
N LYS A 179 12.14 8.53 -6.99
CA LYS A 179 11.44 7.30 -7.31
C LYS A 179 12.33 6.11 -6.98
N LEU A 180 11.69 5.04 -6.53
CA LEU A 180 12.34 3.82 -6.11
C LEU A 180 11.49 2.65 -6.60
N GLY A 181 12.15 1.56 -7.00
CA GLY A 181 11.48 0.39 -7.53
C GLY A 181 12.03 -0.81 -6.79
N ALA A 182 11.12 -1.63 -6.26
CA ALA A 182 11.49 -2.63 -5.29
C ALA A 182 10.72 -3.94 -5.45
N SER A 183 11.42 -5.04 -5.22
CA SER A 183 10.79 -6.32 -4.98
C SER A 183 10.31 -6.32 -3.54
N LEU A 184 9.52 -7.32 -3.15
CA LEU A 184 9.04 -7.43 -1.77
C LEU A 184 10.21 -7.55 -0.78
N ASP A 185 11.28 -8.22 -1.22
CA ASP A 185 12.49 -8.35 -0.42
C ASP A 185 13.51 -7.25 -0.69
N GLY A 186 13.03 -6.02 -0.90
CA GLY A 186 13.86 -4.82 -0.99
C GLY A 186 14.91 -4.71 -2.09
N ARG A 187 15.02 -5.73 -2.93
CA ARG A 187 16.09 -5.78 -3.94
C ARG A 187 15.76 -4.89 -5.13
N THR A 188 16.75 -4.13 -5.61
CA THR A 188 16.48 -3.13 -6.65
C THR A 188 15.94 -3.77 -7.93
N ALA A 189 14.62 -3.64 -8.08
CA ALA A 189 13.84 -4.33 -9.10
C ALA A 189 13.06 -3.38 -9.99
N MSE A 190 13.70 -2.29 -10.40
CA MSE A 190 13.18 -1.41 -11.45
C MSE A 190 14.33 -0.62 -12.04
O MSE A 190 15.48 -1.05 -11.99
CB MSE A 190 12.08 -0.49 -10.92
CG MSE A 190 11.52 0.49 -11.94
SE MSE A 190 10.11 1.60 -11.19
CE MSE A 190 8.55 0.97 -12.14
N GLU A 194 17.73 -0.33 -18.65
CA GLU A 194 16.64 -0.63 -17.74
C GLU A 194 15.32 0.02 -18.19
N SER A 195 14.57 -0.73 -18.99
CA SER A 195 13.19 -0.39 -19.33
C SER A 195 12.42 -1.70 -19.29
N GLN A 196 13.17 -2.80 -19.45
CA GLN A 196 12.67 -4.17 -19.33
C GLN A 196 12.43 -4.52 -17.85
N TRP A 197 11.89 -3.57 -17.12
CA TRP A 197 11.77 -3.68 -15.67
C TRP A 197 10.94 -4.89 -15.25
N ILE A 198 11.36 -5.46 -14.13
CA ILE A 198 10.70 -6.61 -13.51
C ILE A 198 9.43 -6.13 -12.78
N THR A 199 9.23 -4.80 -12.75
CA THR A 199 7.96 -4.23 -12.32
C THR A 199 6.86 -4.53 -13.35
N SER A 200 6.25 -3.52 -13.95
CA SER A 200 5.16 -3.78 -14.89
C SER A 200 4.88 -2.69 -15.93
N PRO A 201 4.29 -3.06 -17.08
CA PRO A 201 3.76 -2.07 -18.02
C PRO A 201 3.05 -0.93 -17.32
N GLN A 202 2.04 -1.25 -16.50
CA GLN A 202 1.22 -0.26 -15.83
C GLN A 202 2.06 0.73 -15.02
N ALA A 203 3.10 0.21 -14.37
CA ALA A 203 4.00 1.02 -13.56
C ALA A 203 4.91 1.85 -14.43
N ARG A 204 5.30 1.31 -15.58
CA ARG A 204 6.12 2.03 -16.55
C ARG A 204 5.31 3.20 -17.14
N ARG A 205 4.04 2.95 -17.41
CA ARG A 205 3.11 3.99 -17.87
C ARG A 205 2.96 5.08 -16.83
N ASP A 206 2.91 4.68 -15.56
CA ASP A 206 2.71 5.62 -14.45
C ASP A 206 3.89 6.58 -14.30
N VAL A 207 5.10 6.03 -14.29
CA VAL A 207 6.32 6.81 -14.28
C VAL A 207 6.40 7.81 -15.42
N GLN A 208 6.08 7.37 -16.64
CA GLN A 208 6.01 8.28 -17.79
C GLN A 208 5.12 9.45 -17.46
N LEU A 209 3.96 9.16 -16.88
CA LEU A 209 3.00 10.18 -16.52
C LEU A 209 3.60 11.19 -15.56
N LEU A 210 4.28 10.66 -14.53
CA LEU A 210 4.92 11.46 -13.50
C LEU A 210 6.17 12.18 -13.99
N ARG A 211 6.97 11.51 -14.82
CA ARG A 211 8.06 12.16 -15.55
C ARG A 211 7.52 13.35 -16.33
N ALA A 212 6.47 13.12 -17.11
CA ALA A 212 5.87 14.13 -17.96
C ALA A 212 5.54 15.44 -17.26
N GLN A 213 5.31 15.40 -15.95
CA GLN A 213 4.95 16.62 -15.26
C GLN A 213 6.07 17.28 -14.44
N SER A 214 7.21 16.60 -14.32
CA SER A 214 8.40 17.20 -13.72
C SER A 214 9.03 18.20 -14.66
N HIS A 215 9.48 19.33 -14.12
CA HIS A 215 10.33 20.25 -14.83
C HIS A 215 11.56 19.52 -15.36
N ALA A 216 12.21 18.73 -14.52
CA ALA A 216 13.48 18.07 -14.86
C ALA A 216 13.47 16.63 -14.39
N ILE A 217 14.35 15.82 -14.97
CA ILE A 217 14.62 14.48 -14.49
C ILE A 217 16.10 14.46 -14.15
N LEU A 218 16.44 13.85 -13.01
CA LEU A 218 17.81 13.87 -12.54
C LEU A 218 18.33 12.47 -12.38
N THR A 219 19.53 12.24 -12.91
CA THR A 219 20.16 10.93 -12.78
C THR A 219 21.65 11.04 -12.50
N SER A 220 22.28 9.91 -12.25
CA SER A 220 23.68 9.86 -11.98
C SER A 220 24.33 9.35 -13.26
N SER A 221 25.59 9.66 -13.44
CA SER A 221 26.30 9.11 -14.59
C SER A 221 26.37 7.59 -14.50
N ALA A 222 26.34 7.06 -13.27
CA ALA A 222 26.46 5.62 -13.05
C ALA A 222 25.31 4.89 -13.70
N THR A 223 24.12 5.48 -13.61
CA THR A 223 22.94 4.97 -14.27
C THR A 223 23.05 5.16 -15.79
N VAL A 224 23.53 6.32 -16.22
CA VAL A 224 23.77 6.58 -17.63
C VAL A 224 24.78 5.58 -18.25
N LEU A 225 25.90 5.33 -17.55
CA LEU A 225 26.91 4.41 -18.08
C LEU A 225 26.37 2.99 -18.14
N ALA A 226 25.60 2.61 -17.13
CA ALA A 226 25.08 1.24 -17.00
C ALA A 226 23.93 0.98 -17.97
N ASP A 227 22.91 1.85 -17.95
CA ASP A 227 21.68 1.60 -18.71
C ASP A 227 21.65 2.23 -20.10
N ASP A 228 22.39 3.32 -20.28
CA ASP A 228 22.35 4.14 -21.51
C ASP A 228 20.93 4.58 -21.87
N PRO A 229 20.21 5.22 -20.92
CA PRO A 229 18.81 5.57 -21.14
C PRO A 229 18.61 6.88 -21.90
N ALA A 230 17.42 7.07 -22.45
CA ALA A 230 17.08 8.32 -23.11
C ALA A 230 16.59 9.34 -22.08
N LEU A 231 16.02 8.83 -20.98
CA LEU A 231 15.35 9.64 -19.95
C LEU A 231 14.29 10.63 -20.46
N THR A 232 13.52 10.25 -21.47
CA THR A 232 12.52 11.13 -22.04
C THR A 232 11.09 10.68 -21.71
N VAL A 233 10.13 11.55 -21.99
CA VAL A 233 8.72 11.18 -22.02
C VAL A 233 8.40 10.65 -23.42
N ARG A 234 7.85 9.44 -23.47
CA ARG A 234 7.35 8.90 -24.73
C ARG A 234 5.86 9.09 -24.74
N TRP A 235 5.40 9.94 -25.65
CA TRP A 235 4.00 10.37 -25.67
C TRP A 235 3.00 9.22 -25.83
N SER A 236 3.34 8.23 -26.66
CA SER A 236 2.49 7.04 -26.83
C SER A 236 2.26 6.27 -25.54
N GLU A 237 3.23 6.30 -24.64
CA GLU A 237 3.17 5.59 -23.38
C GLU A 237 2.20 6.28 -22.40
N LEU A 238 1.67 7.43 -22.81
CA LEU A 238 0.64 8.11 -22.03
C LEU A 238 -0.75 7.64 -22.46
N ASP A 239 -1.73 7.83 -21.58
CA ASP A 239 -3.12 7.44 -21.84
C ASP A 239 -3.98 8.70 -22.05
N GLU A 240 -5.27 8.63 -21.68
CA GLU A 240 -6.29 9.73 -21.72
C GLU A 240 -5.76 11.19 -21.65
N GLN A 241 -4.63 11.42 -20.96
CA GLN A 241 -3.96 12.72 -21.00
C GLN A 241 -3.35 13.02 -22.36
N THR A 242 -3.28 12.00 -23.21
CA THR A 242 -3.03 12.15 -24.64
C THR A 242 -4.00 13.17 -25.21
N GLN A 243 -5.26 13.05 -24.79
CA GLN A 243 -6.36 13.82 -25.33
C GLN A 243 -6.57 15.17 -24.65
N ALA A 244 -6.01 15.33 -23.46
CA ALA A 244 -6.30 16.51 -22.63
C ALA A 244 -5.66 17.75 -23.30
N LEU A 245 -4.84 18.48 -22.55
CA LEU A 245 -3.76 19.20 -23.21
C LEU A 245 -2.90 18.03 -23.61
N TYR A 246 -1.80 18.33 -24.30
CA TYR A 246 -0.81 17.33 -24.63
C TYR A 246 -1.14 16.45 -25.81
N PRO A 247 -1.54 17.09 -26.92
CA PRO A 247 -1.27 16.52 -28.23
C PRO A 247 0.24 16.38 -28.41
N GLN A 248 0.64 15.33 -29.13
CA GLN A 248 2.03 14.97 -29.37
C GLN A 248 2.95 16.13 -29.78
N GLN A 249 2.41 17.13 -30.47
CA GLN A 249 3.24 18.24 -30.95
C GLN A 249 3.53 19.27 -29.86
N ASN A 250 2.86 19.14 -28.72
CA ASN A 250 3.11 20.03 -27.59
C ASN A 250 4.07 19.41 -26.57
N LEU A 251 4.47 18.17 -26.82
CA LEU A 251 5.35 17.44 -25.93
C LEU A 251 6.53 18.30 -25.48
N ARG A 252 6.64 18.47 -24.17
CA ARG A 252 7.73 19.19 -23.55
C ARG A 252 8.56 18.16 -22.84
N GLN A 253 9.73 17.89 -23.40
CA GLN A 253 10.69 16.96 -22.84
C GLN A 253 11.23 17.55 -21.52
N PRO A 254 11.07 16.84 -20.39
CA PRO A 254 11.66 17.41 -19.17
C PRO A 254 13.19 17.53 -19.31
N ILE A 255 13.75 18.58 -18.72
CA ILE A 255 15.19 18.83 -18.75
C ILE A 255 15.97 17.69 -18.09
N ARG A 256 16.94 17.15 -18.80
CA ARG A 256 17.70 16.04 -18.25
C ARG A 256 18.89 16.55 -17.47
N ILE A 257 19.01 16.16 -16.21
CA ILE A 257 20.14 16.58 -15.42
C ILE A 257 20.89 15.34 -14.99
N VAL A 258 22.21 15.36 -15.21
CA VAL A 258 23.08 14.22 -14.97
C VAL A 258 24.24 14.67 -14.10
N ILE A 259 24.51 13.91 -13.06
CA ILE A 259 25.64 14.13 -12.18
C ILE A 259 26.83 13.29 -12.66
N ASP A 260 27.83 13.93 -13.27
CA ASP A 260 29.14 13.27 -13.37
C ASP A 260 30.29 14.20 -13.06
N SER A 261 30.78 14.06 -11.85
CA SER A 261 31.84 14.86 -11.32
C SER A 261 33.17 14.45 -11.96
N GLN A 262 33.18 13.27 -12.58
CA GLN A 262 34.35 12.70 -13.25
C GLN A 262 34.21 12.65 -14.77
N ASN A 263 33.24 13.38 -15.30
CA ASN A 263 33.06 13.52 -16.74
C ASN A 263 33.15 12.22 -17.55
N ARG A 264 32.56 11.15 -17.03
CA ARG A 264 32.60 9.81 -17.63
C ARG A 264 31.58 9.65 -18.75
N VAL A 265 30.49 10.39 -18.69
CA VAL A 265 29.49 10.29 -19.74
C VAL A 265 30.10 10.87 -21.03
N THR A 266 29.60 10.36 -22.15
CA THR A 266 30.15 10.61 -23.47
C THR A 266 29.12 11.36 -24.31
N PRO A 267 29.57 12.18 -25.28
CA PRO A 267 28.62 12.88 -26.17
C PRO A 267 27.85 11.96 -27.11
N VAL A 268 28.11 10.67 -27.04
CA VAL A 268 27.49 9.68 -27.94
C VAL A 268 26.46 8.80 -27.19
N HIS A 269 26.32 9.04 -25.88
CA HIS A 269 25.33 8.37 -25.04
C HIS A 269 23.92 8.84 -25.38
N ARG A 270 22.94 7.95 -25.32
CA ARG A 270 21.60 8.22 -25.84
C ARG A 270 21.04 9.51 -25.29
N ILE A 271 21.30 9.76 -24.01
CA ILE A 271 20.70 10.88 -23.31
C ILE A 271 20.95 12.26 -23.95
N VAL A 272 22.07 12.43 -24.65
CA VAL A 272 22.38 13.76 -25.18
C VAL A 272 21.84 13.94 -26.60
N GLN A 273 21.46 12.83 -27.24
CA GLN A 273 20.94 12.91 -28.59
C GLN A 273 19.41 12.95 -28.60
N GLN A 274 18.80 13.15 -27.44
CA GLN A 274 17.36 13.25 -27.32
C GLN A 274 16.91 14.69 -27.55
N PRO A 275 15.67 14.89 -28.04
CA PRO A 275 15.16 16.27 -28.05
C PRO A 275 15.14 16.84 -26.63
N GLY A 276 15.39 18.14 -26.51
CA GLY A 276 15.42 18.79 -25.22
C GLY A 276 16.84 18.91 -24.70
N GLU A 277 17.00 19.55 -23.55
CA GLU A 277 18.31 19.86 -23.04
C GLU A 277 18.79 18.81 -22.08
N THR A 278 20.09 18.59 -22.05
CA THR A 278 20.65 17.82 -20.96
C THR A 278 21.75 18.62 -20.30
N TRP A 279 21.69 18.69 -18.97
CA TRP A 279 22.58 19.53 -18.18
C TRP A 279 23.51 18.64 -17.39
N PHE A 280 24.80 18.88 -17.50
CA PHE A 280 25.74 18.08 -16.76
C PHE A 280 26.21 18.82 -15.53
N ALA A 281 26.04 18.20 -14.37
CA ALA A 281 26.54 18.75 -13.12
C ALA A 281 27.94 18.23 -13.00
N ARG A 282 28.88 19.13 -13.22
CA ARG A 282 30.29 18.77 -13.29
C ARG A 282 31.07 19.44 -12.19
N THR A 283 32.15 18.79 -11.79
CA THR A 283 33.12 19.34 -10.86
C THR A 283 34.14 20.21 -11.62
N GLN A 284 34.46 19.79 -12.84
CA GLN A 284 35.42 20.50 -13.68
C GLN A 284 34.97 20.46 -15.14
N GLU A 285 35.24 21.54 -15.86
CA GLU A 285 34.86 21.68 -17.26
C GLU A 285 35.27 20.48 -18.11
N ASP A 286 34.33 19.95 -18.89
CA ASP A 286 34.64 18.95 -19.91
C ASP A 286 35.32 19.64 -21.09
N SER A 287 36.09 18.89 -21.87
CA SER A 287 36.81 19.47 -23.01
C SER A 287 36.32 19.02 -24.39
N ARG A 288 35.32 18.14 -24.43
CA ARG A 288 34.87 17.58 -25.69
C ARG A 288 33.84 18.51 -26.31
N GLU A 289 33.56 18.30 -27.58
CA GLU A 289 32.49 19.01 -28.26
C GLU A 289 31.17 18.34 -27.91
N TRP A 290 30.18 19.12 -27.48
CA TRP A 290 28.85 18.61 -27.14
C TRP A 290 27.85 19.34 -28.00
N PRO A 291 26.69 18.73 -28.26
CA PRO A 291 25.64 19.42 -29.03
C PRO A 291 25.22 20.72 -28.36
N GLU A 292 24.72 21.66 -29.15
CA GLU A 292 24.20 22.94 -28.65
C GLU A 292 23.18 22.83 -27.51
N THR A 293 22.47 21.71 -27.44
CA THR A 293 21.43 21.55 -26.43
C THR A 293 21.99 21.09 -25.06
N VAL A 294 23.31 20.93 -24.96
CA VAL A 294 23.97 20.50 -23.73
C VAL A 294 24.64 21.66 -22.97
N ARG A 295 24.50 21.64 -21.65
CA ARG A 295 25.09 22.64 -20.79
C ARG A 295 25.83 21.94 -19.68
N THR A 296 26.82 22.61 -19.11
CA THR A 296 27.37 22.14 -17.86
C THR A 296 27.17 23.16 -16.77
N LEU A 297 26.99 22.65 -15.57
CA LEU A 297 26.89 23.46 -14.36
C LEU A 297 28.05 23.08 -13.49
N LEU A 298 28.91 24.07 -13.25
CA LEU A 298 30.09 23.89 -12.42
C LEU A 298 29.70 23.95 -10.95
N ILE A 299 29.94 22.85 -10.26
CA ILE A 299 29.52 22.69 -8.88
C ILE A 299 30.71 22.40 -7.98
N PRO A 300 30.90 23.21 -6.94
CA PRO A 300 32.01 22.98 -6.01
C PRO A 300 31.94 21.62 -5.33
N GLU A 301 33.09 21.08 -4.95
CA GLU A 301 33.13 19.87 -4.14
C GLU A 301 32.91 20.21 -2.67
N HIS A 302 32.39 19.24 -1.94
CA HIS A 302 32.33 19.31 -0.50
C HIS A 302 32.92 17.99 -0.04
N LYS A 303 33.98 18.08 0.76
CA LYS A 303 34.73 16.91 1.22
C LYS A 303 34.74 15.76 0.19
N GLY A 304 35.46 15.98 -0.91
CA GLY A 304 35.69 14.94 -1.93
C GLY A 304 34.56 14.62 -2.90
N HIS A 305 33.34 15.06 -2.60
CA HIS A 305 32.20 14.81 -3.49
C HIS A 305 31.66 16.11 -4.07
N LEU A 306 30.94 16.01 -5.18
CA LEU A 306 30.14 17.12 -5.69
C LEU A 306 29.08 17.50 -4.65
N ASP A 307 29.01 18.79 -4.32
CA ASP A 307 28.06 19.31 -3.33
C ASP A 307 26.64 19.36 -3.89
N LEU A 308 25.84 18.37 -3.51
CA LEU A 308 24.47 18.26 -4.02
C LEU A 308 23.58 19.42 -3.59
N VAL A 309 23.78 19.91 -2.36
CA VAL A 309 23.04 21.07 -1.86
C VAL A 309 23.23 22.27 -2.79
N VAL A 310 24.48 22.53 -3.18
CA VAL A 310 24.79 23.67 -4.03
C VAL A 310 24.22 23.46 -5.42
N LEU A 311 24.22 22.22 -5.89
CA LEU A 311 23.59 21.88 -7.17
C LEU A 311 22.10 22.23 -7.17
N MSE A 312 21.40 21.81 -6.13
CA MSE A 312 19.98 22.10 -5.99
C MSE A 312 19.73 23.59 -5.89
O MSE A 312 18.79 24.11 -6.48
CB MSE A 312 19.39 21.37 -4.77
CG MSE A 312 19.52 19.87 -4.82
SE MSE A 312 18.88 19.16 -6.52
CE MSE A 312 19.94 17.52 -6.59
N MSE A 313 20.59 24.29 -5.16
CA MSE A 313 20.53 25.74 -5.08
C MSE A 313 20.70 26.35 -6.46
O MSE A 313 19.99 27.27 -6.83
CB MSE A 313 21.62 26.27 -4.15
CG MSE A 313 21.22 26.39 -2.70
SE MSE A 313 22.69 27.06 -1.62
CE MSE A 313 23.48 28.39 -2.82
N GLN A 314 21.68 25.84 -7.19
CA GLN A 314 21.98 26.35 -8.52
C GLN A 314 20.88 26.01 -9.54
N LEU A 315 20.26 24.84 -9.39
CA LEU A 315 19.11 24.47 -10.21
C LEU A 315 17.92 25.37 -9.88
N GLY A 316 17.90 25.86 -8.65
CA GLY A 316 16.89 26.82 -8.24
C GLY A 316 17.03 28.16 -8.93
N LYS A 317 18.25 28.69 -8.97
CA LYS A 317 18.55 29.94 -9.66
C LYS A 317 18.27 29.77 -11.14
N GLN A 318 18.48 28.54 -11.60
CA GLN A 318 18.21 28.19 -12.98
C GLN A 318 16.70 28.00 -13.24
N GLN A 319 15.88 28.22 -12.21
CA GLN A 319 14.41 28.24 -12.30
C GLN A 319 13.76 26.87 -12.42
N ILE A 320 14.50 25.82 -12.08
CA ILE A 320 13.95 24.48 -11.99
C ILE A 320 12.97 24.36 -10.80
N ASN A 321 11.71 24.12 -11.16
CA ASN A 321 10.63 23.95 -10.20
C ASN A 321 10.71 22.61 -9.49
N SER A 322 10.97 21.55 -10.24
CA SER A 322 10.77 20.19 -9.72
C SER A 322 11.60 19.18 -10.44
N ILE A 323 11.97 18.13 -9.71
CA ILE A 323 12.92 17.17 -10.19
C ILE A 323 12.48 15.74 -9.88
N TRP A 324 12.30 14.94 -10.93
CA TRP A 324 12.00 13.54 -10.80
C TRP A 324 13.33 12.80 -10.87
N VAL A 325 13.69 12.11 -9.79
CA VAL A 325 15.02 11.48 -9.71
C VAL A 325 14.93 10.01 -10.11
N GLU A 326 15.65 9.62 -11.16
CA GLU A 326 15.74 8.24 -11.55
C GLU A 326 17.19 7.80 -11.48
N ALA A 327 17.54 7.12 -10.40
CA ALA A 327 18.93 6.79 -10.15
C ALA A 327 19.12 5.35 -9.67
N GLY A 328 20.28 5.13 -9.07
CA GLY A 328 20.59 3.88 -8.38
C GLY A 328 20.85 4.19 -6.92
N PRO A 329 20.99 3.14 -6.11
CA PRO A 329 21.23 3.22 -4.68
C PRO A 329 22.16 4.34 -4.20
N THR A 330 23.34 4.47 -4.82
CA THR A 330 24.29 5.50 -4.37
C THR A 330 23.67 6.89 -4.33
N LEU A 331 23.09 7.32 -5.44
CA LEU A 331 22.53 8.66 -5.53
C LEU A 331 21.27 8.78 -4.70
N ALA A 332 20.45 7.73 -4.70
CA ALA A 332 19.24 7.76 -3.89
C ALA A 332 19.63 8.04 -2.45
N GLY A 333 20.74 7.45 -2.01
CA GLY A 333 21.20 7.60 -0.65
C GLY A 333 21.83 8.94 -0.34
N ALA A 334 22.62 9.48 -1.27
CA ALA A 334 23.26 10.76 -1.03
C ALA A 334 22.20 11.85 -0.92
N LEU A 335 21.20 11.81 -1.79
CA LEU A 335 20.09 12.75 -1.70
C LEU A 335 19.37 12.65 -0.36
N LEU A 336 19.10 11.43 0.07
CA LEU A 336 18.40 11.20 1.35
C LEU A 336 19.18 11.72 2.54
N GLN A 337 20.49 11.52 2.51
CA GLN A 337 21.33 11.94 3.61
C GLN A 337 21.61 13.43 3.59
N ALA A 338 21.47 14.07 2.43
CA ALA A 338 21.65 15.50 2.32
C ALA A 338 20.42 16.30 2.77
N GLY A 339 19.29 15.61 2.98
CA GLY A 339 18.04 16.27 3.32
C GLY A 339 17.37 16.99 2.15
N LEU A 340 17.50 16.45 0.95
CA LEU A 340 17.02 17.16 -0.21
C LEU A 340 15.76 16.55 -0.84
N VAL A 341 15.34 15.38 -0.35
CA VAL A 341 14.18 14.67 -0.91
C VAL A 341 12.87 15.14 -0.30
N ASP A 342 11.98 15.64 -1.14
CA ASP A 342 10.69 16.13 -0.66
C ASP A 342 9.70 15.00 -0.65
N GLU A 343 9.73 14.14 -1.66
CA GLU A 343 8.88 12.97 -1.63
C GLU A 343 9.45 11.71 -2.23
N LEU A 344 9.03 10.58 -1.68
CA LEU A 344 9.39 9.27 -2.24
C LEU A 344 8.22 8.68 -2.96
N ILE A 345 8.49 8.13 -4.15
CA ILE A 345 7.50 7.33 -4.85
C ILE A 345 8.04 5.93 -4.97
N VAL A 346 7.45 5.03 -4.20
CA VAL A 346 8.01 3.68 -4.12
C VAL A 346 7.09 2.72 -4.83
N TYR A 347 7.60 2.16 -5.92
CA TYR A 347 6.93 1.09 -6.64
C TYR A 347 7.43 -0.23 -6.08
N ILE A 348 6.52 -1.05 -5.59
CA ILE A 348 6.89 -2.40 -5.18
C ILE A 348 6.26 -3.47 -6.09
N ALA A 349 7.08 -4.44 -6.49
CA ALA A 349 6.64 -5.53 -7.31
C ALA A 349 6.35 -6.75 -6.44
N PRO A 350 5.34 -7.55 -6.81
CA PRO A 350 5.05 -8.73 -5.98
C PRO A 350 5.98 -9.91 -6.30
N LYS A 351 7.20 -9.60 -6.71
CA LYS A 351 8.25 -10.58 -6.96
C LYS A 351 9.11 -10.75 -5.72
N LEU A 352 9.70 -11.93 -5.55
CA LEU A 352 10.72 -12.15 -4.53
C LEU A 352 12.11 -12.34 -5.15
N LEU A 353 13.01 -11.37 -4.92
CA LEU A 353 14.33 -11.33 -5.57
C LEU A 353 15.50 -11.25 -4.59
N GLY A 354 15.90 -12.39 -4.03
CA GLY A 354 16.94 -12.42 -3.00
C GLY A 354 18.30 -11.91 -3.44
N SER A 355 19.04 -12.76 -4.15
CA SER A 355 20.41 -12.49 -4.55
C SER A 355 20.54 -11.78 -5.90
N ASP A 356 19.43 -11.74 -6.63
CA ASP A 356 19.43 -11.22 -8.00
C ASP A 356 20.11 -9.85 -8.14
N ALA A 357 19.42 -8.79 -7.70
CA ALA A 357 19.91 -7.44 -7.93
C ALA A 357 19.78 -6.46 -6.75
N ARG A 358 20.77 -6.49 -5.86
CA ARG A 358 21.11 -5.37 -4.93
C ARG A 358 19.97 -4.65 -4.16
N GLY A 359 20.34 -3.67 -3.34
CA GLY A 359 19.38 -2.93 -2.54
C GLY A 359 19.11 -1.51 -3.02
N LEU A 360 18.10 -0.87 -2.43
CA LEU A 360 17.65 0.46 -2.85
C LEU A 360 18.52 1.65 -2.44
N CYS A 361 19.06 1.65 -1.21
CA CYS A 361 19.90 2.77 -0.76
C CYS A 361 21.18 2.30 -0.07
N THR A 362 22.14 3.21 0.04
CA THR A 362 23.42 2.94 0.72
C THR A 362 23.45 3.38 2.19
N LEU A 363 23.14 4.66 2.42
CA LEU A 363 23.03 5.25 3.78
C LEU A 363 24.17 4.88 4.76
N PRO A 364 25.36 5.49 4.59
CA PRO A 364 26.52 5.30 5.48
C PRO A 364 26.31 5.73 6.96
N GLY A 365 25.18 6.39 7.23
CA GLY A 365 24.84 6.85 8.58
C GLY A 365 24.50 5.71 9.52
N PRO A 373 16.02 13.07 6.14
CA PRO A 373 14.83 13.28 6.96
C PRO A 373 14.14 11.94 7.25
N GLN A 374 12.98 12.00 7.89
CA GLN A 374 12.08 10.85 7.94
C GLN A 374 10.81 11.18 7.20
N PHE A 375 9.92 10.21 7.10
CA PHE A 375 8.80 10.31 6.17
C PHE A 375 7.48 9.93 6.76
N LYS A 376 6.42 10.39 6.09
CA LYS A 376 5.10 9.91 6.37
C LYS A 376 4.36 9.58 5.05
N PHE A 377 3.56 8.52 5.12
CA PHE A 377 2.83 8.05 3.99
C PHE A 377 1.73 9.01 3.61
N LYS A 378 1.60 9.23 2.32
CA LYS A 378 0.49 9.95 1.76
C LYS A 378 -0.31 8.90 1.03
N GLU A 379 -0.58 9.08 -0.24
CA GLU A 379 -1.38 8.15 -0.99
C GLU A 379 -0.67 6.80 -1.15
N ILE A 380 -1.44 5.71 -1.10
CA ILE A 380 -0.92 4.41 -1.52
C ILE A 380 -1.91 3.87 -2.54
N ARG A 381 -1.44 3.15 -3.55
CA ARG A 381 -2.34 2.73 -4.62
C ARG A 381 -1.80 1.58 -5.44
N HIS A 382 -2.71 0.91 -6.13
CA HIS A 382 -2.36 -0.19 -7.00
C HIS A 382 -1.97 0.32 -8.36
N VAL A 383 -1.02 -0.36 -8.98
CA VAL A 383 -0.57 -0.01 -10.31
C VAL A 383 -0.32 -1.31 -11.07
N GLY A 384 -1.38 -1.80 -11.71
CA GLY A 384 -1.37 -3.12 -12.30
C GLY A 384 -1.22 -4.12 -11.18
N PRO A 385 -0.22 -4.99 -11.28
CA PRO A 385 0.10 -5.96 -10.24
C PRO A 385 1.09 -5.38 -9.23
N ASP A 386 1.50 -4.13 -9.41
CA ASP A 386 2.39 -3.45 -8.46
C ASP A 386 1.63 -2.51 -7.54
N VAL A 387 2.29 -2.12 -6.46
CA VAL A 387 1.75 -1.08 -5.60
C VAL A 387 2.71 0.10 -5.65
N CYS A 388 2.14 1.29 -5.54
CA CYS A 388 2.94 2.50 -5.50
C CYS A 388 2.64 3.26 -4.21
N LEU A 389 3.68 3.51 -3.41
CA LEU A 389 3.52 4.13 -2.10
C LEU A 389 4.16 5.50 -2.16
N HIS A 390 3.36 6.53 -1.89
CA HIS A 390 3.86 7.88 -1.90
C HIS A 390 4.17 8.29 -0.49
N LEU A 391 5.32 8.90 -0.32
CA LEU A 391 5.67 9.46 0.98
C LEU A 391 6.18 10.87 0.86
N VAL A 392 6.01 11.61 1.93
CA VAL A 392 6.34 13.02 2.00
C VAL A 392 7.23 13.26 3.24
N GLY A 393 8.11 14.25 3.16
CA GLY A 393 8.96 14.65 4.30
C GLY A 393 8.14 14.81 5.57
N ALA A 394 7.15 15.71 5.53
CA ALA A 394 6.30 16.00 6.70
C ALA A 394 4.93 16.56 6.34
N THR B 23 -38.94 -19.60 -8.20
CA THR B 23 -38.05 -19.59 -9.40
C THR B 23 -37.05 -18.43 -9.32
N LEU B 24 -37.53 -17.26 -8.95
CA LEU B 24 -36.71 -16.04 -8.94
C LEU B 24 -36.50 -15.45 -7.54
N TYR B 25 -37.60 -15.12 -6.86
CA TYR B 25 -37.53 -14.47 -5.55
C TYR B 25 -36.96 -15.39 -4.48
N ILE B 26 -37.07 -16.70 -4.72
CA ILE B 26 -36.46 -17.71 -3.85
C ILE B 26 -34.95 -17.54 -3.76
N GLN B 27 -34.31 -17.33 -4.90
CA GLN B 27 -32.86 -17.08 -4.96
C GLN B 27 -32.50 -15.76 -4.29
N GLY B 28 -33.31 -14.73 -4.57
CA GLY B 28 -33.14 -13.41 -3.94
C GLY B 28 -33.15 -13.51 -2.42
N GLN B 29 -34.11 -14.27 -1.91
CA GLN B 29 -34.20 -14.56 -0.47
C GLN B 29 -33.09 -15.51 -0.02
N ASP B 30 -32.76 -16.49 -0.85
CA ASP B 30 -31.70 -17.47 -0.53
C ASP B 30 -30.40 -16.76 -0.20
N GLU B 31 -30.01 -15.81 -1.07
CA GLU B 31 -28.81 -15.01 -0.91
C GLU B 31 -28.87 -14.09 0.32
N TYR B 32 -30.08 -13.72 0.73
CA TYR B 32 -30.26 -12.88 1.91
C TYR B 32 -29.96 -13.65 3.19
N TYR B 33 -30.53 -14.84 3.30
CA TYR B 33 -30.43 -15.62 4.51
C TYR B 33 -29.09 -16.36 4.62
N MSE B 34 -28.51 -16.73 3.48
CA MSE B 34 -27.20 -17.35 3.50
C MSE B 34 -26.17 -16.35 3.98
O MSE B 34 -25.34 -16.67 4.82
CB MSE B 34 -26.82 -17.95 2.14
CG MSE B 34 -25.51 -18.77 2.18
SE MSE B 34 -25.57 -20.31 3.39
CE MSE B 34 -26.46 -21.53 2.17
N ALA B 35 -26.23 -15.12 3.44
CA ALA B 35 -25.38 -14.02 3.87
C ALA B 35 -25.45 -13.87 5.40
N ARG B 36 -26.68 -13.90 5.89
CA ARG B 36 -26.97 -13.85 7.31
C ARG B 36 -26.32 -15.03 8.05
N ALA B 37 -26.45 -16.24 7.49
CA ALA B 37 -25.80 -17.43 8.05
C ALA B 37 -24.27 -17.35 8.02
N LEU B 38 -23.73 -16.70 6.99
CA LEU B 38 -22.28 -16.51 6.86
C LEU B 38 -21.74 -15.50 7.87
N LYS B 39 -22.50 -14.42 8.10
CA LYS B 39 -22.14 -13.42 9.09
C LYS B 39 -22.15 -13.96 10.53
N LEU B 40 -23.02 -14.94 10.79
CA LEU B 40 -23.05 -15.59 12.10
C LEU B 40 -21.86 -16.53 12.24
N ALA B 41 -21.61 -17.36 11.22
CA ALA B 41 -20.45 -18.24 11.22
C ALA B 41 -19.15 -17.51 11.60
N GLN B 42 -19.01 -16.29 11.10
CA GLN B 42 -17.84 -15.45 11.35
C GLN B 42 -17.64 -15.15 12.82
N ARG B 43 -18.73 -14.97 13.56
CA ARG B 43 -18.63 -14.66 14.99
C ARG B 43 -17.82 -15.70 15.77
N GLY B 44 -17.75 -16.91 15.23
CA GLY B 44 -16.99 -17.99 15.81
C GLY B 44 -15.51 -18.08 15.43
N ARG B 45 -15.02 -17.19 14.58
CA ARG B 45 -13.66 -17.39 14.00
C ARG B 45 -12.50 -17.28 15.01
N PHE B 46 -12.79 -16.78 16.21
CA PHE B 46 -11.75 -16.58 17.22
C PHE B 46 -11.59 -17.77 18.14
N THR B 47 -12.62 -18.62 18.19
CA THR B 47 -12.79 -19.55 19.30
C THR B 47 -13.05 -20.96 18.84
N THR B 48 -13.20 -21.12 17.54
CA THR B 48 -13.79 -22.32 17.01
C THR B 48 -12.78 -23.45 16.81
N HIS B 49 -11.51 -23.11 16.60
CA HIS B 49 -10.42 -24.06 16.32
C HIS B 49 -10.38 -25.20 17.33
N PRO B 50 -10.10 -26.44 16.88
CA PRO B 50 -9.78 -26.90 15.52
C PRO B 50 -11.01 -27.15 14.62
N ASN B 51 -12.20 -26.91 15.16
CA ASN B 51 -13.45 -26.98 14.38
C ASN B 51 -13.57 -25.83 13.40
N PRO B 52 -14.32 -26.01 12.31
CA PRO B 52 -14.59 -24.90 11.40
C PRO B 52 -15.65 -23.96 11.94
N ASN B 53 -15.81 -22.84 11.24
CA ASN B 53 -16.91 -21.91 11.47
C ASN B 53 -18.16 -22.38 10.71
N VAL B 54 -19.30 -22.36 11.39
CA VAL B 54 -20.56 -22.81 10.79
C VAL B 54 -21.71 -21.93 11.28
N GLY B 55 -22.47 -21.39 10.32
CA GLY B 55 -23.66 -20.61 10.63
C GLY B 55 -24.90 -21.34 10.14
N CYS B 56 -25.99 -21.19 10.88
CA CYS B 56 -27.25 -21.81 10.50
C CYS B 56 -28.43 -20.88 10.77
N VAL B 57 -29.29 -20.70 9.76
CA VAL B 57 -30.45 -19.83 9.85
C VAL B 57 -31.70 -20.56 9.34
N ILE B 58 -32.69 -20.73 10.21
CA ILE B 58 -33.94 -21.42 9.85
C ILE B 58 -35.04 -20.40 9.57
N VAL B 59 -35.68 -20.54 8.40
CA VAL B 59 -36.69 -19.59 7.97
C VAL B 59 -38.04 -20.26 7.72
N LYS B 60 -39.09 -19.65 8.26
CA LYS B 60 -40.45 -20.08 8.03
C LYS B 60 -41.28 -18.87 7.69
N ASP B 61 -41.91 -18.93 6.52
CA ASP B 61 -42.81 -17.89 6.02
C ASP B 61 -42.23 -16.48 6.09
N GLY B 62 -41.00 -16.34 5.57
CA GLY B 62 -40.34 -15.05 5.50
C GLY B 62 -39.83 -14.52 6.82
N GLU B 63 -39.75 -15.37 7.84
CA GLU B 63 -39.19 -14.94 9.13
C GLU B 63 -38.20 -15.93 9.74
N ILE B 64 -37.12 -15.40 10.33
CA ILE B 64 -36.13 -16.25 10.95
C ILE B 64 -36.66 -16.77 12.28
N VAL B 65 -36.84 -18.08 12.36
CA VAL B 65 -37.32 -18.71 13.59
C VAL B 65 -36.18 -19.30 14.42
N GLY B 66 -34.97 -19.30 13.86
CA GLY B 66 -33.82 -19.90 14.54
C GLY B 66 -32.50 -19.55 13.88
N GLU B 67 -31.53 -19.20 14.72
CA GLU B 67 -30.19 -18.81 14.27
C GLU B 67 -29.15 -19.52 15.12
N GLY B 68 -27.96 -19.69 14.58
CA GLY B 68 -26.92 -20.36 15.34
C GLY B 68 -25.58 -20.37 14.66
N TYR B 69 -24.52 -20.44 15.46
CA TYR B 69 -23.17 -20.61 14.94
C TYR B 69 -22.32 -21.42 15.91
N HIS B 70 -21.38 -22.19 15.39
CA HIS B 70 -20.51 -22.98 16.26
C HIS B 70 -19.52 -22.07 16.99
N GLN B 71 -19.43 -22.22 18.31
CA GLN B 71 -18.59 -21.35 19.13
C GLN B 71 -17.27 -21.99 19.60
N ARG B 72 -17.34 -23.25 20.03
CA ARG B 72 -16.15 -23.94 20.58
C ARG B 72 -16.21 -25.44 20.26
N ALA B 73 -15.03 -26.04 20.07
CA ALA B 73 -14.90 -27.47 19.70
C ALA B 73 -15.82 -28.45 20.44
N GLY B 74 -15.94 -28.28 21.75
CA GLY B 74 -16.79 -29.16 22.57
C GLY B 74 -18.23 -28.68 22.64
N GLU B 75 -18.44 -27.42 22.30
CA GLU B 75 -19.76 -26.79 22.34
C GLU B 75 -20.66 -27.27 21.19
N PRO B 76 -21.98 -27.09 21.31
CA PRO B 76 -22.91 -27.59 20.29
C PRO B 76 -22.65 -27.08 18.87
N HIS B 77 -23.00 -27.89 17.87
CA HIS B 77 -22.96 -27.47 16.47
C HIS B 77 -23.92 -26.30 16.24
N ALA B 78 -23.70 -25.57 15.14
CA ALA B 78 -24.59 -24.48 14.73
C ALA B 78 -26.06 -24.93 14.58
N GLU B 79 -26.28 -26.07 13.92
CA GLU B 79 -27.63 -26.59 13.70
C GLU B 79 -28.35 -26.85 15.01
N VAL B 80 -27.61 -27.35 16.01
CA VAL B 80 -28.19 -27.66 17.31
C VAL B 80 -28.71 -26.37 17.96
N HIS B 81 -27.84 -25.36 17.99
CA HIS B 81 -28.22 -24.05 18.53
C HIS B 81 -29.48 -23.48 17.88
N ALA B 82 -29.54 -23.47 16.55
CA ALA B 82 -30.69 -22.92 15.82
C ALA B 82 -31.94 -23.77 16.00
N LEU B 83 -31.74 -25.08 16.11
CA LEU B 83 -32.81 -26.03 16.24
C LEU B 83 -33.49 -25.85 17.60
N ARG B 84 -32.68 -25.82 18.66
CA ARG B 84 -33.17 -25.54 20.00
C ARG B 84 -34.03 -24.29 20.00
N MSE B 85 -33.53 -23.26 19.33
CA MSE B 85 -34.24 -21.99 19.23
C MSE B 85 -35.57 -22.13 18.49
O MSE B 85 -36.61 -21.75 19.03
CB MSE B 85 -33.34 -20.93 18.57
CG MSE B 85 -33.96 -19.55 18.45
SE MSE B 85 -32.60 -18.20 18.12
CE MSE B 85 -33.67 -17.02 16.99
N ALA B 86 -35.56 -22.67 17.27
CA ALA B 86 -36.75 -22.76 16.44
C ALA B 86 -37.88 -23.56 17.07
N GLY B 87 -37.52 -24.62 17.79
CA GLY B 87 -38.51 -25.55 18.37
C GLY B 87 -39.35 -26.23 17.31
N GLU B 88 -40.66 -26.30 17.55
CA GLU B 88 -41.61 -26.92 16.62
C GLU B 88 -41.84 -26.07 15.36
N LYS B 89 -41.40 -24.81 15.41
CA LYS B 89 -41.54 -23.89 14.28
C LYS B 89 -40.60 -24.26 13.12
N ALA B 90 -39.77 -25.28 13.34
CA ALA B 90 -38.84 -25.78 12.34
C ALA B 90 -39.52 -26.61 11.26
N LYS B 91 -40.59 -27.31 11.65
CA LYS B 91 -41.34 -28.21 10.74
C LYS B 91 -41.47 -27.61 9.35
N GLY B 92 -42.13 -26.45 9.28
CA GLY B 92 -42.34 -25.71 8.04
C GLY B 92 -41.38 -25.96 6.90
N ALA B 93 -40.25 -25.24 6.88
CA ALA B 93 -39.24 -25.40 5.83
C ALA B 93 -37.90 -24.68 6.05
N THR B 94 -37.07 -24.73 5.01
CA THR B 94 -35.85 -23.95 4.80
C THR B 94 -34.87 -23.70 5.97
N ALA B 95 -33.86 -24.56 6.02
CA ALA B 95 -32.74 -24.41 6.93
C ALA B 95 -31.50 -24.03 6.12
N TYR B 96 -30.98 -22.82 6.34
CA TYR B 96 -29.77 -22.38 5.63
C TYR B 96 -28.52 -22.70 6.43
N VAL B 97 -27.68 -23.58 5.88
CA VAL B 97 -26.39 -23.88 6.50
C VAL B 97 -25.17 -23.48 5.66
N THR B 98 -24.05 -23.29 6.36
CA THR B 98 -22.77 -22.87 5.81
C THR B 98 -21.92 -24.07 5.34
N LEU B 99 -22.08 -25.19 6.02
CA LEU B 99 -21.29 -26.38 5.77
C LEU B 99 -22.19 -27.58 6.01
N GLU B 100 -22.22 -28.49 5.03
CA GLU B 100 -23.06 -29.68 5.08
C GLU B 100 -23.08 -30.34 6.48
N PRO B 101 -24.27 -30.68 6.97
CA PRO B 101 -24.40 -31.31 8.28
C PRO B 101 -24.06 -32.80 8.26
N CYS B 102 -24.30 -33.46 9.39
CA CYS B 102 -24.12 -34.92 9.55
C CYS B 102 -22.68 -35.41 9.45
N SER B 103 -22.51 -36.73 9.61
CA SER B 103 -21.24 -37.44 9.45
C SER B 103 -20.02 -36.72 10.04
N ASP B 113 -29.53 -35.87 10.93
CA ASP B 113 -29.63 -36.30 12.32
C ASP B 113 -30.80 -35.59 13.00
N ALA B 114 -30.48 -34.48 13.69
CA ALA B 114 -31.47 -33.69 14.43
C ALA B 114 -32.31 -32.85 13.47
N LEU B 115 -31.68 -32.39 12.39
CA LEU B 115 -32.36 -31.69 11.32
C LEU B 115 -33.57 -32.48 10.80
N ILE B 116 -33.42 -33.81 10.73
CA ILE B 116 -34.49 -34.69 10.31
C ILE B 116 -35.53 -34.86 11.42
N ALA B 117 -35.06 -35.17 12.63
CA ALA B 117 -35.93 -35.40 13.79
C ALA B 117 -36.75 -34.17 14.14
N ALA B 118 -36.28 -32.99 13.70
CA ALA B 118 -37.02 -31.76 13.85
C ALA B 118 -37.70 -31.40 12.52
N GLY B 119 -38.26 -32.44 11.88
CA GLY B 119 -38.89 -32.35 10.56
C GLY B 119 -38.81 -31.06 9.76
N VAL B 120 -37.63 -30.73 9.25
CA VAL B 120 -37.52 -29.63 8.30
C VAL B 120 -37.86 -30.09 6.88
N ALA B 121 -38.28 -29.15 6.05
CA ALA B 121 -38.26 -29.36 4.60
C ALA B 121 -36.92 -28.84 4.07
N ARG B 122 -36.92 -28.26 2.86
CA ARG B 122 -35.74 -27.64 2.23
C ARG B 122 -34.56 -27.30 3.15
N VAL B 123 -33.36 -27.76 2.76
CA VAL B 123 -32.13 -27.26 3.36
C VAL B 123 -31.18 -26.76 2.28
N VAL B 124 -30.57 -25.62 2.52
CA VAL B 124 -29.63 -25.02 1.59
C VAL B 124 -28.24 -25.02 2.21
N ALA B 125 -27.33 -25.79 1.63
CA ALA B 125 -25.94 -25.82 2.10
C ALA B 125 -25.05 -25.01 1.16
N SER B 126 -24.04 -24.37 1.73
CA SER B 126 -23.10 -23.58 0.96
C SER B 126 -21.94 -24.45 0.44
N MSE B 127 -21.55 -25.40 1.27
CA MSE B 127 -20.43 -26.30 0.97
C MSE B 127 -20.79 -27.71 1.39
O MSE B 127 -21.71 -27.91 2.20
CB MSE B 127 -19.20 -25.90 1.74
CG MSE B 127 -18.47 -24.72 1.20
SE MSE B 127 -16.77 -24.76 2.11
CE MSE B 127 -17.31 -24.10 3.87
N GLN B 128 -20.04 -28.69 0.90
CA GLN B 128 -20.46 -30.07 0.94
C GLN B 128 -19.49 -31.02 1.65
N ASP B 129 -18.64 -30.50 2.52
CA ASP B 129 -17.72 -31.33 3.31
C ASP B 129 -16.44 -31.63 2.54
N PRO B 130 -15.30 -31.11 3.02
CA PRO B 130 -13.95 -31.26 2.44
C PRO B 130 -13.39 -32.70 2.37
N ASN B 131 -12.51 -33.04 3.31
CA ASN B 131 -11.66 -34.23 3.22
C ASN B 131 -12.34 -35.60 3.16
N PRO B 132 -13.20 -35.91 4.15
CA PRO B 132 -13.71 -37.27 4.18
C PRO B 132 -13.91 -37.85 2.78
N GLN B 133 -14.53 -37.07 1.88
CA GLN B 133 -14.79 -37.47 0.48
C GLN B 133 -15.52 -38.79 0.35
N VAL B 134 -15.12 -39.77 1.16
CA VAL B 134 -15.89 -40.98 1.40
C VAL B 134 -17.23 -40.60 2.01
N ALA B 135 -17.19 -39.71 3.00
CA ALA B 135 -18.39 -39.11 3.56
C ALA B 135 -18.46 -37.65 3.13
N GLY B 136 -19.02 -37.43 1.94
CA GLY B 136 -19.05 -36.11 1.32
C GLY B 136 -20.41 -35.71 0.77
N ARG B 137 -21.39 -36.61 0.88
CA ARG B 137 -22.77 -36.28 0.52
C ARG B 137 -23.76 -36.77 1.58
N GLY B 138 -23.35 -36.64 2.85
CA GLY B 138 -24.28 -36.67 3.98
C GLY B 138 -25.37 -35.62 3.78
N LEU B 139 -25.14 -34.75 2.80
CA LEU B 139 -26.16 -33.87 2.24
C LEU B 139 -27.35 -34.66 1.69
N TYR B 140 -27.09 -35.84 1.15
CA TYR B 140 -28.14 -36.68 0.57
C TYR B 140 -28.90 -37.53 1.60
N ARG B 141 -28.34 -37.63 2.80
CA ARG B 141 -28.96 -38.41 3.88
C ARG B 141 -30.30 -37.79 4.25
N LEU B 142 -30.39 -36.47 4.13
CA LEU B 142 -31.62 -35.72 4.36
C LEU B 142 -32.62 -35.92 3.21
N GLN B 143 -32.10 -36.21 2.02
CA GLN B 143 -32.93 -36.48 0.85
C GLN B 143 -33.72 -37.79 1.01
N GLN B 144 -33.13 -38.74 1.72
CA GLN B 144 -33.79 -40.00 2.08
C GLN B 144 -35.02 -39.78 2.95
N ALA B 145 -34.97 -38.71 3.75
CA ALA B 145 -36.09 -38.32 4.60
C ALA B 145 -37.13 -37.50 3.83
N GLY B 146 -36.89 -37.32 2.53
CA GLY B 146 -37.79 -36.55 1.68
C GLY B 146 -37.54 -35.06 1.78
N ILE B 147 -36.40 -34.71 2.35
CA ILE B 147 -36.02 -33.32 2.52
C ILE B 147 -35.34 -32.81 1.25
N ASP B 148 -35.91 -31.73 0.70
CA ASP B 148 -35.34 -30.99 -0.40
C ASP B 148 -33.98 -30.42 0.01
N VAL B 149 -32.98 -30.62 -0.83
CA VAL B 149 -31.62 -30.16 -0.55
C VAL B 149 -31.00 -29.46 -1.78
N SER B 150 -29.88 -28.79 -1.55
CA SER B 150 -29.15 -28.08 -2.60
C SER B 150 -27.89 -27.41 -2.03
N HIS B 151 -26.81 -27.40 -2.79
CA HIS B 151 -25.57 -26.80 -2.33
C HIS B 151 -24.91 -25.89 -3.38
N GLY B 152 -23.99 -25.05 -2.92
CA GLY B 152 -23.21 -24.19 -3.81
C GLY B 152 -23.47 -22.71 -3.70
N LEU B 153 -24.37 -22.32 -2.79
CA LEU B 153 -24.74 -20.91 -2.63
C LEU B 153 -23.64 -20.14 -1.88
N MSE B 154 -23.06 -19.16 -2.57
CA MSE B 154 -21.99 -18.32 -2.02
C MSE B 154 -20.86 -19.19 -1.47
O MSE B 154 -20.26 -18.88 -0.41
CB MSE B 154 -22.55 -17.38 -0.93
CG MSE B 154 -23.64 -16.44 -1.41
SE MSE B 154 -24.68 -15.68 0.06
CE MSE B 154 -23.46 -14.25 0.60
N MSE B 155 -20.56 -20.26 -2.20
CA MSE B 155 -19.56 -21.24 -1.79
C MSE B 155 -18.18 -20.61 -1.64
O MSE B 155 -17.41 -21.00 -0.77
CB MSE B 155 -19.49 -22.38 -2.80
CG MSE B 155 -18.74 -23.60 -2.29
SE MSE B 155 -17.80 -24.58 -3.69
CE MSE B 155 -19.31 -24.93 -4.89
N SER B 156 -17.91 -19.62 -2.49
CA SER B 156 -16.69 -18.81 -2.40
C SER B 156 -16.56 -18.18 -1.01
N GLU B 157 -17.62 -17.50 -0.56
CA GLU B 157 -17.59 -16.83 0.75
C GLU B 157 -17.40 -17.80 1.92
N ALA B 158 -18.04 -18.97 1.83
CA ALA B 158 -17.89 -20.01 2.84
C ALA B 158 -16.52 -20.66 2.76
N GLU B 159 -15.95 -20.70 1.55
CA GLU B 159 -14.56 -21.12 1.37
C GLU B 159 -13.63 -20.15 2.12
N GLN B 160 -13.74 -18.85 1.84
CA GLN B 160 -12.95 -17.83 2.55
C GLN B 160 -13.06 -17.93 4.06
N LEU B 161 -14.22 -18.34 4.54
CA LEU B 161 -14.54 -18.42 5.97
C LEU B 161 -13.77 -19.50 6.75
N ASN B 162 -13.27 -20.51 6.05
CA ASN B 162 -12.53 -21.60 6.67
C ASN B 162 -11.25 -22.00 5.92
N LYS B 163 -10.57 -21.02 5.34
CA LYS B 163 -9.33 -21.21 4.59
C LYS B 163 -8.36 -22.23 5.19
N GLY B 164 -8.06 -22.07 6.48
CA GLY B 164 -7.10 -22.94 7.16
C GLY B 164 -7.57 -24.36 7.38
N PHE B 165 -8.75 -24.49 7.98
CA PHE B 165 -9.37 -25.79 8.20
C PHE B 165 -9.51 -26.55 6.89
N LEU B 166 -10.05 -25.88 5.87
CA LEU B 166 -10.24 -26.50 4.57
C LEU B 166 -8.91 -26.88 3.92
N LYS B 167 -7.84 -26.10 4.15
CA LYS B 167 -6.52 -26.47 3.65
C LYS B 167 -5.96 -27.72 4.35
N ARG B 168 -6.09 -27.76 5.68
CA ARG B 168 -5.62 -28.92 6.44
C ARG B 168 -6.33 -30.20 6.03
N MSE B 169 -7.61 -30.09 5.70
CA MSE B 169 -8.38 -31.24 5.27
C MSE B 169 -7.93 -31.78 3.89
O MSE B 169 -7.70 -32.98 3.75
CB MSE B 169 -9.88 -30.94 5.31
CG MSE B 169 -10.37 -30.54 6.72
SE MSE B 169 -10.51 -31.99 8.02
CE MSE B 169 -8.69 -32.68 8.07
N ARG B 170 -7.79 -30.89 2.92
CA ARG B 170 -7.49 -31.29 1.55
C ARG B 170 -6.03 -31.70 1.39
N THR B 171 -5.13 -30.81 1.78
CA THR B 171 -3.72 -31.13 1.90
C THR B 171 -3.56 -31.61 3.34
N GLY B 172 -2.36 -31.99 3.76
CA GLY B 172 -2.15 -32.21 5.19
C GLY B 172 -1.65 -30.99 5.97
N PHE B 173 -1.60 -29.82 5.32
CA PHE B 173 -0.87 -28.67 5.86
C PHE B 173 -1.74 -27.53 6.41
N PRO B 174 -1.40 -27.03 7.62
CA PRO B 174 -2.00 -25.81 8.15
C PRO B 174 -1.86 -24.68 7.15
N TYR B 175 -2.72 -23.68 7.26
CA TYR B 175 -2.65 -22.48 6.43
C TYR B 175 -1.67 -21.52 7.09
N ILE B 176 -0.76 -20.93 6.31
CA ILE B 176 0.30 -20.12 6.92
C ILE B 176 0.33 -18.65 6.49
N GLN B 177 0.19 -17.76 7.46
CA GLN B 177 0.31 -16.33 7.24
C GLN B 177 1.65 -15.82 7.77
N LEU B 178 2.47 -15.27 6.90
CA LEU B 178 3.77 -14.77 7.32
C LEU B 178 3.73 -13.27 7.52
N LYS B 179 3.98 -12.83 8.75
CA LYS B 179 4.08 -11.41 9.07
C LYS B 179 5.52 -10.96 8.92
N LEU B 180 5.68 -9.75 8.39
CA LEU B 180 6.98 -9.17 8.19
C LEU B 180 6.91 -7.70 8.61
N GLY B 181 7.90 -7.24 9.35
CA GLY B 181 8.04 -5.83 9.66
C GLY B 181 9.26 -5.31 8.93
N ALA B 182 9.04 -4.50 7.90
CA ALA B 182 10.13 -3.97 7.09
C ALA B 182 10.14 -2.45 7.07
N SER B 183 11.29 -1.88 6.74
CA SER B 183 11.37 -0.45 6.48
C SER B 183 11.16 -0.19 4.98
N LEU B 184 11.32 1.06 4.55
CA LEU B 184 11.11 1.41 3.14
C LEU B 184 12.05 0.66 2.21
N ASP B 185 13.33 0.61 2.56
CA ASP B 185 14.35 -0.08 1.77
C ASP B 185 14.45 -1.57 2.14
N GLY B 186 13.31 -2.25 2.24
CA GLY B 186 13.26 -3.55 2.89
C GLY B 186 13.88 -3.34 4.25
N ARG B 187 14.58 -4.35 4.77
CA ARG B 187 15.41 -4.17 5.98
C ARG B 187 14.60 -4.10 7.27
N THR B 188 15.22 -4.57 8.36
CA THR B 188 14.56 -4.67 9.66
C THR B 188 15.47 -4.19 10.80
N ALA B 189 14.84 -3.96 11.96
CA ALA B 189 15.49 -3.85 13.30
C ALA B 189 16.90 -3.25 13.47
N MSE B 190 17.53 -2.80 12.38
CA MSE B 190 18.84 -2.14 12.39
C MSE B 190 20.01 -3.05 12.77
O MSE B 190 21.18 -2.73 12.49
CB MSE B 190 18.82 -0.88 13.27
CG MSE B 190 19.85 0.17 12.88
SE MSE B 190 19.49 0.96 11.13
CE MSE B 190 21.06 2.12 11.01
N ALA B 191 19.70 -4.19 13.40
CA ALA B 191 20.72 -5.12 13.90
C ALA B 191 20.46 -6.57 13.50
N SER B 192 21.54 -7.35 13.45
CA SER B 192 21.51 -8.77 13.07
C SER B 192 20.53 -9.61 13.88
N GLY B 193 20.53 -9.41 15.20
CA GLY B 193 19.65 -10.14 16.13
C GLY B 193 18.30 -10.44 15.50
N GLU B 194 17.94 -11.71 15.49
CA GLU B 194 16.69 -12.20 14.89
C GLU B 194 15.41 -11.63 15.57
N SER B 195 15.58 -10.57 16.35
CA SER B 195 14.48 -9.88 17.01
C SER B 195 13.59 -9.24 15.97
N GLN B 196 12.29 -9.38 16.13
CA GLN B 196 11.34 -8.89 15.15
C GLN B 196 10.96 -7.43 15.39
N TRP B 197 10.87 -6.68 14.30
CA TRP B 197 10.53 -5.28 14.41
C TRP B 197 9.00 -5.16 14.42
N ILE B 198 8.49 -4.37 15.36
CA ILE B 198 7.06 -4.15 15.48
C ILE B 198 6.58 -2.86 14.79
N THR B 199 7.53 -2.03 14.35
CA THR B 199 7.21 -0.86 13.51
C THR B 199 6.32 0.21 14.15
N SER B 200 5.20 -0.18 14.77
CA SER B 200 4.33 0.79 15.46
C SER B 200 3.31 0.15 16.42
N PRO B 201 2.72 0.97 17.33
CA PRO B 201 1.66 0.47 18.22
C PRO B 201 0.39 0.10 17.47
N GLN B 202 0.11 0.83 16.37
CA GLN B 202 -1.04 0.54 15.53
C GLN B 202 -0.82 -0.78 14.80
N ALA B 203 0.38 -1.01 14.31
CA ALA B 203 0.69 -2.26 13.67
C ALA B 203 0.59 -3.39 14.71
N ARG B 204 1.05 -3.13 15.94
CA ARG B 204 0.88 -4.06 17.06
C ARG B 204 -0.60 -4.35 17.26
N ARG B 205 -1.45 -3.32 17.34
CA ARG B 205 -2.88 -3.52 17.53
C ARG B 205 -3.51 -4.31 16.39
N ASP B 206 -3.11 -3.99 15.17
CA ASP B 206 -3.58 -4.70 14.00
C ASP B 206 -3.21 -6.21 14.03
N VAL B 207 -1.99 -6.55 14.42
CA VAL B 207 -1.53 -7.95 14.51
C VAL B 207 -2.33 -8.76 15.57
N GLN B 208 -2.67 -8.14 16.71
CA GLN B 208 -3.48 -8.80 17.74
C GLN B 208 -4.78 -9.43 17.19
N LEU B 209 -5.45 -8.70 16.30
CA LEU B 209 -6.68 -9.17 15.69
C LEU B 209 -6.43 -10.37 14.78
N LEU B 210 -5.33 -10.34 14.03
CA LEU B 210 -4.97 -11.42 13.12
C LEU B 210 -4.46 -12.63 13.92
N ARG B 211 -3.76 -12.35 15.01
CA ARG B 211 -3.32 -13.39 15.94
C ARG B 211 -4.52 -14.16 16.47
N ALA B 212 -5.54 -13.42 16.90
CA ALA B 212 -6.69 -13.95 17.60
C ALA B 212 -7.56 -14.94 16.78
N GLN B 213 -7.47 -14.88 15.46
CA GLN B 213 -8.24 -15.83 14.65
C GLN B 213 -7.40 -16.99 14.14
N SER B 214 -6.08 -16.93 14.36
CA SER B 214 -5.19 -18.05 14.06
C SER B 214 -5.38 -19.17 15.07
N HIS B 215 -5.27 -20.40 14.60
CA HIS B 215 -5.18 -21.52 15.49
C HIS B 215 -3.92 -21.36 16.32
N ALA B 216 -2.79 -21.08 15.66
CA ALA B 216 -1.49 -21.03 16.31
C ALA B 216 -0.66 -19.81 15.90
N ILE B 217 0.34 -19.49 16.73
CA ILE B 217 1.36 -18.52 16.38
C ILE B 217 2.71 -19.25 16.37
N LEU B 218 3.48 -19.07 15.30
CA LEU B 218 4.82 -19.67 15.20
C LEU B 218 5.94 -18.63 15.26
N THR B 219 7.04 -18.99 15.93
CA THR B 219 8.25 -18.18 15.97
C THR B 219 9.51 -19.05 16.12
N SER B 220 10.67 -18.43 15.86
CA SER B 220 11.99 -19.07 16.08
C SER B 220 12.52 -18.79 17.49
N SER B 221 13.30 -19.73 18.01
CA SER B 221 13.90 -19.59 19.34
C SER B 221 14.72 -18.34 19.43
N ALA B 222 15.30 -17.92 18.31
CA ALA B 222 16.05 -16.68 18.21
C ALA B 222 15.21 -15.49 18.61
N THR B 223 13.95 -15.47 18.17
CA THR B 223 13.02 -14.39 18.52
C THR B 223 12.69 -14.43 20.01
N VAL B 224 12.49 -15.64 20.54
CA VAL B 224 12.25 -15.81 21.98
C VAL B 224 13.44 -15.34 22.81
N LEU B 225 14.65 -15.71 22.38
CA LEU B 225 15.87 -15.26 23.03
C LEU B 225 16.11 -13.75 22.90
N ALA B 226 15.80 -13.20 21.74
CA ALA B 226 16.07 -11.79 21.46
C ALA B 226 15.01 -10.83 21.99
N ASP B 227 13.78 -11.32 22.13
CA ASP B 227 12.68 -10.46 22.52
C ASP B 227 12.00 -10.84 23.83
N ASP B 228 12.13 -12.11 24.23
CA ASP B 228 11.43 -12.67 25.40
C ASP B 228 9.94 -12.26 25.40
N PRO B 229 9.21 -12.62 24.33
CA PRO B 229 7.86 -12.12 24.17
C PRO B 229 6.83 -13.07 24.77
N ALA B 230 5.62 -12.57 24.95
CA ALA B 230 4.52 -13.39 25.43
C ALA B 230 3.87 -14.14 24.26
N LEU B 231 3.79 -13.48 23.10
CA LEU B 231 3.06 -13.99 21.93
C LEU B 231 1.66 -14.47 22.30
N THR B 232 0.97 -13.65 23.06
CA THR B 232 -0.40 -13.93 23.43
C THR B 232 -1.34 -12.95 22.77
N VAL B 233 -2.62 -13.23 22.82
CA VAL B 233 -3.61 -12.22 22.51
C VAL B 233 -3.97 -11.50 23.79
N ARG B 234 -3.99 -10.17 23.72
CA ARG B 234 -4.42 -9.35 24.82
C ARG B 234 -5.75 -8.76 24.42
N TRP B 235 -6.77 -9.11 25.17
CA TRP B 235 -8.13 -8.73 24.82
C TRP B 235 -8.25 -7.22 24.63
N SER B 236 -7.70 -6.44 25.55
CA SER B 236 -7.76 -4.98 25.49
C SER B 236 -7.20 -4.35 24.21
N GLU B 237 -6.37 -5.09 23.48
CA GLU B 237 -5.79 -4.57 22.24
C GLU B 237 -6.66 -4.85 21.03
N LEU B 238 -7.76 -5.56 21.24
CA LEU B 238 -8.77 -5.76 20.21
C LEU B 238 -9.77 -4.60 20.25
N ASP B 239 -10.44 -4.35 19.11
CA ASP B 239 -11.47 -3.30 19.07
C ASP B 239 -12.88 -3.88 19.22
N GLU B 240 -13.91 -3.06 18.93
CA GLU B 240 -15.34 -3.45 18.66
C GLU B 240 -15.75 -4.94 18.38
N GLN B 241 -14.84 -5.77 17.85
CA GLN B 241 -14.99 -7.22 17.90
C GLN B 241 -14.91 -7.72 19.35
N THR B 242 -14.53 -6.80 20.23
CA THR B 242 -14.71 -6.90 21.66
C THR B 242 -16.20 -7.10 21.99
N GLN B 243 -17.06 -6.30 21.37
CA GLN B 243 -18.51 -6.31 21.64
C GLN B 243 -19.18 -7.59 21.14
N ALA B 244 -19.01 -7.88 19.85
CA ALA B 244 -19.48 -9.14 19.25
C ALA B 244 -18.82 -10.25 20.06
N LEU B 245 -18.86 -11.50 19.61
CA LEU B 245 -18.32 -12.56 20.46
C LEU B 245 -16.94 -12.14 20.95
N TYR B 246 -16.34 -12.99 21.76
CA TYR B 246 -15.07 -12.71 22.38
C TYR B 246 -15.32 -11.65 23.45
N PRO B 247 -16.21 -11.97 24.40
CA PRO B 247 -16.09 -11.27 25.65
C PRO B 247 -14.85 -11.78 26.38
N GLN B 248 -14.15 -10.86 27.03
CA GLN B 248 -12.99 -11.16 27.89
C GLN B 248 -12.85 -12.62 28.34
N GLN B 249 -13.89 -13.17 28.97
CA GLN B 249 -13.79 -14.52 29.54
C GLN B 249 -13.64 -15.63 28.48
N ASN B 250 -14.16 -15.37 27.28
CA ASN B 250 -14.07 -16.35 26.21
C ASN B 250 -12.72 -16.39 25.49
N LEU B 251 -11.81 -15.51 25.87
CA LEU B 251 -10.52 -15.33 25.19
C LEU B 251 -9.75 -16.61 25.03
N ARG B 252 -9.41 -16.92 23.79
CA ARG B 252 -8.67 -18.14 23.49
C ARG B 252 -7.25 -17.81 23.02
N GLN B 253 -6.26 -18.32 23.73
CA GLN B 253 -4.86 -18.08 23.39
C GLN B 253 -4.43 -18.99 22.24
N PRO B 254 -4.03 -18.42 21.11
CA PRO B 254 -3.50 -19.28 20.06
C PRO B 254 -2.30 -20.07 20.56
N ILE B 255 -2.16 -21.28 20.04
CA ILE B 255 -1.11 -22.18 20.45
C ILE B 255 0.25 -21.63 20.02
N ARG B 256 1.16 -21.52 20.98
CA ARG B 256 2.46 -20.94 20.70
C ARG B 256 3.43 -22.03 20.29
N ILE B 257 4.00 -21.84 19.10
CA ILE B 257 4.91 -22.80 18.52
C ILE B 257 6.30 -22.19 18.37
N VAL B 258 7.28 -22.82 19.01
CA VAL B 258 8.65 -22.31 18.99
C VAL B 258 9.58 -23.32 18.32
N ILE B 259 10.34 -22.85 17.33
CA ILE B 259 11.38 -23.67 16.72
C ILE B 259 12.69 -23.47 17.47
N ASP B 260 13.06 -24.41 18.34
CA ASP B 260 14.45 -24.43 18.83
C ASP B 260 15.11 -25.79 18.86
N SER B 261 15.74 -26.10 17.73
CA SER B 261 16.48 -27.34 17.54
C SER B 261 17.58 -27.49 18.59
N GLN B 262 18.30 -26.40 18.86
CA GLN B 262 19.44 -26.42 19.79
C GLN B 262 19.05 -26.16 21.25
N ASN B 263 17.75 -26.26 21.55
CA ASN B 263 17.21 -26.06 22.91
C ASN B 263 17.86 -24.91 23.71
N ARG B 264 17.75 -23.70 23.17
CA ARG B 264 18.35 -22.52 23.78
C ARG B 264 17.37 -21.74 24.67
N VAL B 265 16.07 -21.95 24.46
CA VAL B 265 15.04 -21.29 25.26
C VAL B 265 14.94 -21.93 26.63
N THR B 266 14.84 -21.08 27.65
CA THR B 266 14.81 -21.47 29.05
C THR B 266 13.36 -21.63 29.53
N PRO B 267 13.11 -22.57 30.47
CA PRO B 267 11.77 -22.64 31.09
C PRO B 267 11.40 -21.38 31.88
N VAL B 268 12.30 -20.41 31.91
CA VAL B 268 12.11 -19.18 32.66
C VAL B 268 11.72 -18.01 31.73
N HIS B 269 11.74 -18.27 30.43
CA HIS B 269 11.28 -17.33 29.43
C HIS B 269 9.77 -17.09 29.51
N ARG B 270 9.39 -15.82 29.33
CA ARG B 270 7.99 -15.37 29.47
C ARG B 270 7.00 -16.24 28.71
N ILE B 271 7.38 -16.66 27.50
CA ILE B 271 6.46 -17.36 26.61
C ILE B 271 5.77 -18.57 27.25
N VAL B 272 6.51 -19.35 28.04
CA VAL B 272 5.97 -20.59 28.64
C VAL B 272 5.16 -20.32 29.92
N GLN B 273 5.32 -19.12 30.46
CA GLN B 273 4.59 -18.68 31.65
C GLN B 273 3.19 -18.14 31.33
N GLN B 274 2.93 -17.85 30.06
CA GLN B 274 1.63 -17.33 29.59
C GLN B 274 0.56 -18.43 29.62
N PRO B 275 -0.72 -18.05 29.78
CA PRO B 275 -1.79 -19.07 29.78
C PRO B 275 -1.93 -19.69 28.41
N GLY B 276 -2.27 -20.98 28.37
CA GLY B 276 -2.32 -21.74 27.11
C GLY B 276 -1.03 -22.54 26.86
N GLU B 277 -1.15 -23.53 25.99
CA GLU B 277 -0.02 -24.39 25.64
C GLU B 277 1.05 -23.66 24.81
N THR B 278 2.29 -24.14 24.95
CA THR B 278 3.36 -23.71 24.07
C THR B 278 4.23 -24.89 23.65
N TRP B 279 4.25 -25.15 22.33
CA TRP B 279 4.85 -26.34 21.76
C TRP B 279 6.23 -26.03 21.19
N PHE B 280 7.23 -26.75 21.64
CA PHE B 280 8.56 -26.62 21.11
C PHE B 280 8.84 -27.65 20.02
N ALA B 281 9.26 -27.16 18.86
CA ALA B 281 9.77 -28.00 17.81
C ALA B 281 11.28 -28.09 17.99
N ARG B 282 11.72 -29.21 18.57
CA ARG B 282 13.14 -29.43 18.84
C ARG B 282 13.61 -30.76 18.27
N THR B 283 14.92 -30.87 18.06
CA THR B 283 15.54 -32.07 17.51
C THR B 283 15.58 -33.19 18.55
N GLN B 284 16.23 -32.92 19.68
CA GLN B 284 16.28 -33.88 20.78
C GLN B 284 15.49 -33.39 21.99
N GLU B 285 14.86 -34.33 22.68
CA GLU B 285 14.02 -34.05 23.85
C GLU B 285 14.80 -33.26 24.89
N ASP B 286 14.13 -32.29 25.52
CA ASP B 286 14.77 -31.45 26.51
C ASP B 286 14.71 -32.08 27.90
N SER B 287 15.82 -32.01 28.61
CA SER B 287 16.00 -32.72 29.88
C SER B 287 15.46 -31.96 31.10
N ARG B 288 15.22 -30.66 30.92
CA ARG B 288 14.80 -29.78 32.02
C ARG B 288 13.35 -30.00 32.43
N GLU B 289 12.95 -29.37 33.53
CA GLU B 289 11.57 -29.41 33.98
C GLU B 289 10.77 -28.20 33.46
N TRP B 290 9.84 -28.47 32.56
CA TRP B 290 9.02 -27.43 31.94
C TRP B 290 7.60 -27.45 32.52
N PRO B 291 6.94 -26.27 32.56
CA PRO B 291 5.56 -26.12 33.02
C PRO B 291 4.59 -27.11 32.36
N GLU B 292 3.46 -27.33 33.02
CA GLU B 292 2.40 -28.23 32.56
C GLU B 292 2.06 -28.02 31.09
N THR B 293 1.89 -26.75 30.71
CA THR B 293 1.40 -26.36 29.39
C THR B 293 2.41 -26.60 28.27
N VAL B 294 3.66 -26.83 28.64
CA VAL B 294 4.72 -27.02 27.63
C VAL B 294 4.73 -28.41 27.05
N ARG B 295 4.73 -28.47 25.73
CA ARG B 295 4.87 -29.71 24.98
C ARG B 295 6.10 -29.63 24.10
N THR B 296 6.34 -30.69 23.34
CA THR B 296 7.51 -30.78 22.49
C THR B 296 7.28 -31.79 21.37
N LEU B 297 7.57 -31.37 20.14
CA LEU B 297 7.50 -32.23 18.98
C LEU B 297 8.91 -32.46 18.44
N LEU B 298 9.29 -33.72 18.30
CA LEU B 298 10.60 -34.07 17.77
C LEU B 298 10.52 -34.09 16.25
N ILE B 299 11.46 -33.40 15.61
CA ILE B 299 11.45 -33.20 14.16
C ILE B 299 12.79 -33.60 13.56
N PRO B 300 12.78 -34.36 12.45
CA PRO B 300 14.04 -34.73 11.81
C PRO B 300 14.72 -33.52 11.17
N GLU B 301 16.00 -33.66 10.88
CA GLU B 301 16.76 -32.58 10.27
C GLU B 301 16.72 -32.65 8.75
N HIS B 302 17.23 -31.61 8.10
CA HIS B 302 17.42 -31.59 6.66
C HIS B 302 18.55 -30.62 6.33
N LYS B 303 19.75 -31.18 6.13
CA LYS B 303 20.96 -30.39 5.94
C LYS B 303 21.24 -29.48 7.15
N GLY B 304 21.53 -30.12 8.29
CA GLY B 304 21.93 -29.43 9.52
C GLY B 304 20.90 -28.49 10.13
N HIS B 305 19.68 -28.56 9.59
CA HIS B 305 18.62 -27.65 10.00
C HIS B 305 17.35 -28.46 10.26
N LEU B 306 16.47 -27.93 11.10
CA LEU B 306 15.17 -28.53 11.36
C LEU B 306 14.31 -28.44 10.10
N ASP B 307 13.63 -29.52 9.74
CA ASP B 307 12.86 -29.57 8.50
C ASP B 307 11.50 -28.93 8.69
N LEU B 308 11.30 -27.79 8.03
CA LEU B 308 10.10 -26.99 8.17
C LEU B 308 8.86 -27.66 7.55
N VAL B 309 9.04 -28.29 6.39
CA VAL B 309 7.96 -29.01 5.71
C VAL B 309 7.41 -30.15 6.59
N VAL B 310 8.30 -31.00 7.10
CA VAL B 310 7.91 -32.08 8.01
C VAL B 310 7.11 -31.53 9.21
N LEU B 311 7.63 -30.48 9.84
CA LEU B 311 6.99 -29.86 11.00
C LEU B 311 5.56 -29.38 10.70
N MSE B 312 5.40 -28.70 9.57
CA MSE B 312 4.08 -28.22 9.18
C MSE B 312 3.11 -29.37 9.13
O MSE B 312 2.09 -29.38 9.82
CB MSE B 312 4.16 -27.53 7.82
CG MSE B 312 4.87 -26.20 7.84
SE MSE B 312 4.34 -25.05 9.34
CE MSE B 312 5.91 -25.16 10.47
N MSE B 313 3.46 -30.37 8.34
CA MSE B 313 2.72 -31.60 8.20
C MSE B 313 2.46 -32.27 9.55
O MSE B 313 1.37 -32.77 9.81
CB MSE B 313 3.55 -32.53 7.34
CG MSE B 313 2.85 -33.09 6.17
SE MSE B 313 4.21 -33.96 5.13
CE MSE B 313 5.13 -34.95 6.57
N GLN B 314 3.48 -32.25 10.40
CA GLN B 314 3.34 -32.75 11.76
C GLN B 314 2.28 -31.94 12.51
N LEU B 315 2.28 -30.62 12.35
CA LEU B 315 1.26 -29.75 12.97
C LEU B 315 -0.13 -29.99 12.39
N GLY B 316 -0.20 -30.27 11.09
CA GLY B 316 -1.41 -30.75 10.44
C GLY B 316 -2.02 -31.96 11.15
N LYS B 317 -1.21 -33.02 11.33
CA LYS B 317 -1.65 -34.22 12.07
C LYS B 317 -2.21 -33.85 13.45
N GLN B 318 -1.65 -32.79 14.02
CA GLN B 318 -1.98 -32.35 15.35
C GLN B 318 -3.18 -31.37 15.32
N GLN B 319 -3.84 -31.32 14.16
CA GLN B 319 -5.12 -30.62 13.98
C GLN B 319 -5.02 -29.08 13.95
N ILE B 320 -3.85 -28.54 13.62
CA ILE B 320 -3.68 -27.08 13.52
C ILE B 320 -4.18 -26.56 12.17
N ASN B 321 -5.20 -25.70 12.20
CA ASN B 321 -5.79 -25.15 10.97
C ASN B 321 -4.94 -24.09 10.29
N SER B 322 -4.32 -23.24 11.10
CA SER B 322 -3.76 -22.01 10.59
C SER B 322 -2.68 -21.49 11.51
N ILE B 323 -1.60 -21.00 10.94
CA ILE B 323 -0.48 -20.51 11.73
C ILE B 323 -0.12 -19.08 11.36
N TRP B 324 0.01 -18.24 12.39
CA TRP B 324 0.47 -16.86 12.24
C TRP B 324 1.94 -16.80 12.63
N VAL B 325 2.81 -16.45 11.68
CA VAL B 325 4.26 -16.53 11.93
C VAL B 325 4.93 -15.17 12.27
N GLU B 326 5.46 -15.11 13.48
CA GLU B 326 6.24 -13.96 13.96
C GLU B 326 7.72 -14.21 13.71
N ALA B 327 8.14 -14.04 12.47
CA ALA B 327 9.47 -14.47 12.04
C ALA B 327 10.52 -13.37 12.08
N GLY B 328 11.74 -13.78 12.41
CA GLY B 328 12.92 -12.97 12.15
C GLY B 328 13.40 -13.25 10.72
N PRO B 329 14.53 -12.66 10.30
CA PRO B 329 14.99 -12.80 8.93
C PRO B 329 15.13 -14.25 8.43
N THR B 330 15.77 -15.10 9.23
CA THR B 330 16.04 -16.48 8.83
C THR B 330 14.75 -17.32 8.63
N LEU B 331 13.81 -17.23 9.57
CA LEU B 331 12.61 -18.06 9.53
C LEU B 331 11.78 -17.78 8.29
N ALA B 332 11.47 -16.50 8.07
CA ALA B 332 10.63 -16.09 6.95
C ALA B 332 11.21 -16.59 5.65
N GLY B 333 12.52 -16.40 5.48
CA GLY B 333 13.23 -16.84 4.29
C GLY B 333 13.12 -18.34 4.09
N ALA B 334 13.31 -19.10 5.16
CA ALA B 334 13.25 -20.55 5.09
C ALA B 334 11.83 -21.03 4.78
N LEU B 335 10.83 -20.35 5.31
CA LEU B 335 9.43 -20.66 4.99
C LEU B 335 9.08 -20.35 3.54
N LEU B 336 9.60 -19.23 3.04
CA LEU B 336 9.35 -18.81 1.67
C LEU B 336 10.01 -19.73 0.67
N GLN B 337 11.20 -20.22 1.04
CA GLN B 337 11.98 -21.13 0.19
C GLN B 337 11.52 -22.58 0.29
N ALA B 338 10.68 -22.88 1.27
CA ALA B 338 10.14 -24.21 1.44
C ALA B 338 8.74 -24.28 0.84
N GLY B 339 8.26 -23.15 0.33
CA GLY B 339 6.98 -23.07 -0.35
C GLY B 339 5.79 -23.34 0.56
N LEU B 340 5.90 -22.92 1.82
CA LEU B 340 4.89 -23.24 2.84
C LEU B 340 3.97 -22.06 3.19
N VAL B 341 4.34 -20.87 2.75
CA VAL B 341 3.57 -19.67 3.07
C VAL B 341 2.37 -19.49 2.14
N ASP B 342 1.19 -19.26 2.72
CA ASP B 342 -0.01 -19.00 1.94
C ASP B 342 -0.22 -17.52 1.76
N GLU B 343 0.13 -16.75 2.77
CA GLU B 343 -0.09 -15.32 2.76
C GLU B 343 1.07 -14.55 3.35
N LEU B 344 1.45 -13.47 2.68
CA LEU B 344 2.35 -12.48 3.24
C LEU B 344 1.58 -11.28 3.76
N ILE B 345 1.87 -10.89 4.99
CA ILE B 345 1.41 -9.62 5.51
C ILE B 345 2.64 -8.80 5.87
N VAL B 346 2.86 -7.73 5.11
CA VAL B 346 4.05 -6.92 5.29
C VAL B 346 3.67 -5.59 5.91
N TYR B 347 4.20 -5.32 7.08
CA TYR B 347 4.04 -3.99 7.67
C TYR B 347 5.26 -3.15 7.32
N ILE B 348 5.00 -2.04 6.64
CA ILE B 348 6.07 -1.16 6.25
C ILE B 348 6.09 0.13 7.05
N ALA B 349 7.18 0.34 7.78
CA ALA B 349 7.42 1.56 8.53
C ALA B 349 7.92 2.65 7.57
N PRO B 350 7.53 3.90 7.80
CA PRO B 350 7.98 4.95 6.89
C PRO B 350 9.42 5.38 7.14
N LYS B 351 10.29 4.41 7.43
CA LYS B 351 11.69 4.69 7.73
C LYS B 351 12.63 4.14 6.68
N LEU B 352 13.84 4.69 6.69
CA LEU B 352 14.96 4.17 5.93
C LEU B 352 15.98 3.64 6.92
N LEU B 353 16.62 2.52 6.58
CA LEU B 353 17.63 1.95 7.46
C LEU B 353 19.01 1.86 6.81
N GLY B 354 20.04 1.96 7.64
CA GLY B 354 21.42 1.98 7.18
C GLY B 354 21.97 0.62 6.76
N SER B 355 23.18 0.62 6.22
CA SER B 355 23.86 -0.61 5.76
C SER B 355 23.78 -1.73 6.77
N ASP B 356 24.13 -1.40 8.02
CA ASP B 356 24.19 -2.38 9.12
C ASP B 356 22.84 -3.01 9.45
N ALA B 357 21.76 -2.45 8.88
CA ALA B 357 20.41 -2.99 9.07
C ALA B 357 20.27 -4.34 8.37
N ARG B 358 19.71 -5.30 9.12
CA ARG B 358 19.72 -6.71 8.73
C ARG B 358 18.97 -6.99 7.44
N GLY B 359 17.67 -6.71 7.46
CA GLY B 359 16.76 -6.95 6.35
C GLY B 359 16.87 -8.24 5.56
N LEU B 360 15.79 -9.03 5.58
CA LEU B 360 15.64 -10.16 4.64
C LEU B 360 15.91 -9.60 3.23
N CYS B 361 15.78 -8.28 3.14
CA CYS B 361 15.86 -7.52 1.90
C CYS B 361 17.24 -7.53 1.24
N THR B 362 17.86 -6.35 1.15
CA THR B 362 19.15 -6.19 0.48
C THR B 362 20.02 -7.42 0.71
N LEU B 363 20.14 -7.83 1.97
CA LEU B 363 20.94 -8.99 2.36
C LEU B 363 20.30 -10.28 1.85
N PRO B 364 20.93 -10.92 0.84
CA PRO B 364 20.39 -12.08 0.14
C PRO B 364 20.28 -13.34 1.01
N GLY B 365 21.17 -14.30 0.81
CA GLY B 365 21.11 -15.60 1.48
C GLY B 365 20.37 -16.66 0.68
N LEU B 366 19.14 -16.33 0.28
CA LEU B 366 18.27 -17.25 -0.47
C LEU B 366 18.64 -17.27 -1.95
N GLU B 367 18.30 -18.36 -2.65
CA GLU B 367 18.61 -18.51 -4.07
C GLU B 367 17.37 -18.64 -4.96
N LYS B 368 16.49 -19.60 -4.64
CA LYS B 368 15.37 -19.96 -5.51
C LYS B 368 14.02 -19.32 -5.14
N LEU B 369 14.06 -18.15 -4.49
CA LEU B 369 12.83 -17.41 -4.18
C LEU B 369 12.10 -16.99 -5.47
N ALA B 370 12.88 -16.57 -6.46
CA ALA B 370 12.36 -16.22 -7.77
C ALA B 370 11.67 -17.41 -8.43
N ASP B 371 12.00 -18.62 -7.97
CA ASP B 371 11.46 -19.84 -8.54
C ASP B 371 10.61 -20.61 -7.51
N ALA B 372 9.95 -19.86 -6.64
CA ALA B 372 9.09 -20.44 -5.60
C ALA B 372 7.70 -19.80 -5.71
N PRO B 373 6.65 -20.48 -5.19
CA PRO B 373 5.31 -19.90 -5.22
C PRO B 373 5.35 -18.41 -5.07
N GLN B 374 4.96 -17.69 -6.14
CA GLN B 374 4.97 -16.25 -6.13
C GLN B 374 3.65 -15.72 -5.61
N PHE B 375 3.64 -14.44 -5.22
CA PHE B 375 2.46 -13.85 -4.60
C PHE B 375 1.93 -12.71 -5.44
N LYS B 376 0.65 -12.40 -5.25
CA LYS B 376 0.04 -11.22 -5.84
C LYS B 376 -0.53 -10.35 -4.74
N PHE B 377 -0.55 -9.04 -4.98
CA PHE B 377 -1.13 -8.08 -4.06
C PHE B 377 -2.64 -8.28 -3.96
N LYS B 378 -3.17 -8.20 -2.76
CA LYS B 378 -4.60 -8.35 -2.54
C LYS B 378 -5.19 -7.15 -1.80
N GLU B 379 -4.52 -6.70 -0.75
CA GLU B 379 -5.02 -5.53 -0.05
C GLU B 379 -3.87 -4.69 0.47
N ILE B 380 -4.06 -3.39 0.41
CA ILE B 380 -3.12 -2.45 0.95
C ILE B 380 -3.91 -1.43 1.77
N ARG B 381 -3.42 -1.13 2.97
CA ARG B 381 -4.14 -0.21 3.83
C ARG B 381 -3.20 0.50 4.75
N HIS B 382 -3.54 1.73 5.09
CA HIS B 382 -2.87 2.48 6.14
C HIS B 382 -3.18 1.83 7.48
N VAL B 383 -2.19 1.85 8.35
CA VAL B 383 -2.31 1.30 9.68
C VAL B 383 -1.48 2.27 10.50
N GLY B 384 -2.12 3.33 10.97
CA GLY B 384 -1.44 4.35 11.70
C GLY B 384 -0.38 4.92 10.80
N PRO B 385 0.85 5.02 11.29
CA PRO B 385 1.90 5.64 10.49
C PRO B 385 2.46 4.67 9.44
N ASP B 386 2.00 3.42 9.47
CA ASP B 386 2.54 2.37 8.62
C ASP B 386 1.61 2.06 7.46
N VAL B 387 2.07 1.23 6.52
CA VAL B 387 1.12 0.60 5.63
C VAL B 387 1.23 -0.92 5.68
N CYS B 388 0.09 -1.59 5.48
CA CYS B 388 0.08 -3.03 5.46
C CYS B 388 -0.17 -3.52 4.03
N LEU B 389 0.74 -4.35 3.54
CA LEU B 389 0.59 -4.95 2.21
C LEU B 389 0.22 -6.40 2.40
N HIS B 390 -0.95 -6.76 1.92
CA HIS B 390 -1.48 -8.08 2.11
C HIS B 390 -1.30 -8.81 0.79
N LEU B 391 -0.56 -9.90 0.85
CA LEU B 391 -0.21 -10.67 -0.31
C LEU B 391 -0.57 -12.13 -0.09
N VAL B 392 -1.08 -12.76 -1.13
CA VAL B 392 -1.38 -14.19 -1.13
C VAL B 392 -0.75 -14.78 -2.40
N GLY B 393 -0.30 -16.02 -2.31
CA GLY B 393 0.36 -16.72 -3.43
C GLY B 393 -0.39 -16.66 -4.74
N ALA B 394 -1.70 -16.84 -4.66
CA ALA B 394 -2.57 -16.83 -5.84
C ALA B 394 -1.84 -17.13 -7.16
#